data_5N9T
#
_entry.id   5N9T
#
_cell.length_a   75.507
_cell.length_b   67.623
_cell.length_c   81.046
_cell.angle_alpha   90.00
_cell.angle_beta   105.90
_cell.angle_gamma   90.00
#
_symmetry.space_group_name_H-M   'P 1 21 1'
#
loop_
_entity.id
_entity.type
_entity.pdbx_description
1 polymer 'Ubiquitin carboxyl-terminal hydrolase 7'
2 non-polymer 'SULFATE ION'
3 non-polymer GLYCEROL
4 non-polymer 3-[4-(aminomethyl)phenyl]-2-methyl-6-[[4-oxidanyl-1-[(3~{R})-4,4,4-tris(fluoranyl)-3-phenyl-butanoyl]piperidin-4-yl]methyl]pyrazolo[4,3-d]pyrimidin-7-one
5 water water
#
_entity_poly.entity_id   1
_entity_poly.type   'polypeptide(L)'
_entity_poly.pdbx_seq_one_letter_code
;SKKHTGYVGLKNQGATCYMNSLLQTLFFTNQLRKAVYMMPTEGDDSSKSVPLALQRVFYELQHSDKPVGTKKLTKSFGWE
TLDSFMQHDVQELCRVLLDNVENKMKGTCVEGTIPKLFRGKMVSYIQCKEVDYRSDRREDYYDIQLSIKGKKNIFESFVD
YVAVEQLDGDNKYDAGEHGLQEAEKGVKFLTLPPVLHLQLMRFMYDPQTDQNIKINDRFEFPEQLPLDEFLQKTDPKDPA
NYILHAVLVHSGDNHGGHYVVYLNPKGDGKWCKFDDDVVSRCTKEEAIEHNYGGHDDDLSVRHCTNAYMLVYIRESKLSE
VLQAVTDHDIPQQLVERLQEEKRIEAQKRKERQEHHH
;
_entity_poly.pdbx_strand_id   A,B
#
# COMPACT_ATOMS: atom_id res chain seq x y z
N SER A 1 -21.59 2.90 13.39
CA SER A 1 -20.36 2.30 13.97
C SER A 1 -19.56 1.47 12.96
N LYS A 2 -18.34 1.92 12.67
CA LYS A 2 -17.34 1.22 11.86
C LYS A 2 -17.03 -0.21 12.35
N LYS A 3 -17.32 -0.49 13.63
CA LYS A 3 -17.10 -1.84 14.17
C LYS A 3 -17.94 -2.94 13.52
N HIS A 4 -19.06 -2.61 12.84
CA HIS A 4 -19.85 -3.67 12.17
C HIS A 4 -19.28 -4.17 10.86
N THR A 5 -18.66 -3.27 10.10
CA THR A 5 -18.17 -3.60 8.76
C THR A 5 -16.70 -3.33 8.50
N GLY A 6 -16.05 -2.51 9.33
CA GLY A 6 -14.68 -2.07 9.08
C GLY A 6 -14.60 -0.79 8.23
N TYR A 7 -15.77 -0.25 7.86
CA TYR A 7 -15.88 0.91 6.96
C TYR A 7 -16.71 1.98 7.65
N VAL A 8 -16.31 3.24 7.46
CA VAL A 8 -17.02 4.37 8.05
C VAL A 8 -17.80 5.13 7.00
N GLY A 9 -18.86 5.79 7.43
CA GLY A 9 -19.70 6.51 6.51
C GLY A 9 -19.34 7.97 6.36
N LEU A 10 -20.15 8.66 5.56
CA LEU A 10 -20.01 10.08 5.32
C LEU A 10 -21.24 10.81 5.87
N LYS A 11 -21.05 12.00 6.44
CA LYS A 11 -22.20 12.72 7.04
C LYS A 11 -23.27 13.04 6.00
N ASN A 12 -24.53 12.93 6.39
CA ASN A 12 -25.60 13.58 5.61
C ASN A 12 -25.53 15.11 5.83
N GLN A 13 -24.84 15.84 4.97
CA GLN A 13 -24.68 17.30 5.08
C GLN A 13 -25.19 17.99 3.84
N GLY A 14 -25.79 19.17 4.02
CA GLY A 14 -26.30 19.97 2.92
C GLY A 14 -27.32 19.23 2.06
N ALA A 15 -27.31 19.50 0.76
CA ALA A 15 -28.01 18.69 -0.23
C ALA A 15 -27.03 18.37 -1.38
N THR A 16 -26.29 17.28 -1.20
CA THR A 16 -25.24 16.95 -2.15
C THR A 16 -25.59 15.71 -2.94
N CYS A 17 -26.83 15.22 -2.79
CA CYS A 17 -27.37 14.23 -3.70
C CYS A 17 -26.44 12.96 -3.81
N TYR A 18 -25.89 12.71 -4.98
CA TYR A 18 -25.09 11.53 -5.33
C TYR A 18 -23.63 11.63 -4.83
N MET A 19 -23.25 12.74 -4.20
CA MET A 19 -21.83 12.99 -3.91
C MET A 19 -21.22 11.91 -2.98
N ASN A 20 -21.84 11.69 -1.84
CA ASN A 20 -21.35 10.64 -0.92
C ASN A 20 -21.19 9.26 -1.61
N SER A 21 -22.14 8.89 -2.46
CA SER A 21 -22.10 7.63 -3.15
C SER A 21 -20.83 7.55 -4.01
N LEU A 22 -20.54 8.64 -4.71
CA LEU A 22 -19.39 8.69 -5.61
C LEU A 22 -18.09 8.75 -4.79
N LEU A 23 -18.09 9.49 -3.68
CA LEU A 23 -16.89 9.53 -2.81
C LEU A 23 -16.47 8.15 -2.29
N GLN A 24 -17.44 7.36 -1.80
CA GLN A 24 -17.14 5.98 -1.34
C GLN A 24 -16.60 5.13 -2.47
N THR A 25 -17.23 5.27 -3.64
CA THR A 25 -16.82 4.58 -4.83
C THR A 25 -15.36 4.88 -5.18
N LEU A 26 -14.96 6.15 -5.13
CA LEU A 26 -13.59 6.52 -5.47
C LEU A 26 -12.63 6.12 -4.37
N PHE A 27 -13.06 6.25 -3.11
CA PHE A 27 -12.23 5.86 -1.96
C PHE A 27 -11.80 4.39 -2.04
N PHE A 28 -12.72 3.52 -2.45
CA PHE A 28 -12.45 2.09 -2.63
C PHE A 28 -11.80 1.69 -3.96
N THR A 29 -11.43 2.70 -4.74
CA THR A 29 -10.59 2.51 -5.91
C THR A 29 -9.17 2.68 -5.35
N ASN A 30 -8.70 1.63 -4.69
CA ASN A 30 -7.51 1.80 -3.82
C ASN A 30 -6.30 2.38 -4.53
N GLN A 31 -6.04 1.95 -5.76
CA GLN A 31 -4.89 2.48 -6.55
C GLN A 31 -5.00 4.00 -6.74
N LEU A 32 -6.22 4.48 -6.94
CA LEU A 32 -6.50 5.92 -6.95
C LEU A 32 -6.22 6.56 -5.62
N ARG A 33 -6.73 5.98 -4.53
CA ARG A 33 -6.59 6.53 -3.17
C ARG A 33 -5.11 6.68 -2.86
N LYS A 34 -4.32 5.65 -3.17
CA LYS A 34 -2.84 5.74 -2.98
C LYS A 34 -2.19 6.91 -3.72
N ALA A 35 -2.54 7.08 -5.00
CA ALA A 35 -2.06 8.23 -5.75
C ALA A 35 -2.49 9.56 -5.15
N VAL A 36 -3.73 9.64 -4.67
CA VAL A 36 -4.21 10.86 -4.03
C VAL A 36 -3.38 11.25 -2.83
N TYR A 37 -3.02 10.27 -2.02
CA TYR A 37 -2.20 10.56 -0.88
C TYR A 37 -0.82 11.12 -1.25
N MET A 38 -0.34 10.82 -2.46
CA MET A 38 1.00 11.22 -2.94
C MET A 38 1.06 12.63 -3.48
N MET A 39 -0.09 13.29 -3.64
CA MET A 39 -0.12 14.63 -4.21
C MET A 39 0.63 15.63 -3.34
N PRO A 40 1.47 16.49 -3.97
CA PRO A 40 2.27 17.42 -3.17
C PRO A 40 1.49 18.68 -2.85
N THR A 41 0.63 18.57 -1.85
CA THR A 41 -0.28 19.61 -1.45
C THR A 41 0.23 20.53 -0.31
N GLU A 42 1.48 20.39 0.11
CA GLU A 42 2.04 21.23 1.21
C GLU A 42 1.80 22.72 1.04
N GLY A 43 1.98 23.23 -0.18
CA GLY A 43 1.80 24.64 -0.45
C GLY A 43 0.35 25.11 -0.61
N ASP A 44 -0.60 24.18 -0.55
CA ASP A 44 -1.99 24.46 -0.93
C ASP A 44 -2.75 25.19 0.15
N ASP A 45 -3.67 26.03 -0.32
CA ASP A 45 -4.70 26.67 0.51
C ASP A 45 -5.89 25.72 0.72
N SER A 46 -6.17 25.38 1.99
CA SER A 46 -7.23 24.42 2.34
C SER A 46 -8.67 24.86 2.05
N SER A 47 -8.90 26.17 1.92
CA SER A 47 -10.23 26.64 1.47
C SER A 47 -10.45 26.34 -0.01
N LYS A 48 -9.40 26.49 -0.82
CA LYS A 48 -9.50 26.42 -2.28
C LYS A 48 -9.12 25.08 -2.92
N SER A 49 -8.33 24.27 -2.22
CA SER A 49 -7.67 23.12 -2.83
C SER A 49 -8.53 21.86 -2.87
N VAL A 50 -9.04 21.51 -4.04
CA VAL A 50 -9.74 20.22 -4.22
C VAL A 50 -8.82 19.03 -3.93
N PRO A 51 -7.55 19.07 -4.44
CA PRO A 51 -6.64 17.96 -4.09
C PRO A 51 -6.47 17.77 -2.59
N LEU A 52 -6.19 18.85 -1.84
CA LEU A 52 -6.09 18.72 -0.37
C LEU A 52 -7.39 18.27 0.26
N ALA A 53 -8.53 18.78 -0.22
CA ALA A 53 -9.80 18.44 0.41
C ALA A 53 -10.14 16.98 0.18
N LEU A 54 -9.78 16.44 -0.99
CA LEU A 54 -10.00 15.00 -1.23
C LEU A 54 -9.03 14.13 -0.41
N GLN A 55 -7.80 14.59 -0.22
CA GLN A 55 -6.88 13.92 0.70
C GLN A 55 -7.47 13.83 2.10
N ARG A 56 -8.06 14.93 2.58
CA ARG A 56 -8.67 14.96 3.90
C ARG A 56 -9.81 13.96 3.99
N VAL A 57 -10.71 13.96 3.01
CA VAL A 57 -11.84 13.04 3.05
C VAL A 57 -11.37 11.58 2.98
N PHE A 58 -10.43 11.27 2.10
CA PHE A 58 -9.91 9.88 1.99
C PHE A 58 -9.20 9.45 3.29
N TYR A 59 -8.37 10.34 3.82
CA TYR A 59 -7.69 10.07 5.11
C TYR A 59 -8.67 9.77 6.25
N GLU A 60 -9.72 10.57 6.37
CA GLU A 60 -10.73 10.36 7.37
C GLU A 60 -11.57 9.11 7.13
N LEU A 61 -11.94 8.83 5.89
CA LEU A 61 -12.53 7.54 5.57
C LEU A 61 -11.65 6.35 6.00
N GLN A 62 -10.34 6.52 5.92
CA GLN A 62 -9.42 5.43 6.24
C GLN A 62 -9.22 5.27 7.74
N HIS A 63 -9.30 6.38 8.47
CA HIS A 63 -8.91 6.42 9.90
C HIS A 63 -9.99 6.73 10.90
N SER A 64 -10.98 7.50 10.50
CA SER A 64 -12.00 7.99 11.42
C SER A 64 -12.96 6.89 11.85
N ASP A 65 -13.27 6.90 13.14
CA ASP A 65 -14.33 6.05 13.68
C ASP A 65 -15.70 6.62 13.51
N LYS A 66 -15.81 7.92 13.25
CA LYS A 66 -17.09 8.59 13.16
C LYS A 66 -17.33 9.07 11.73
N PRO A 67 -18.60 9.35 11.39
CA PRO A 67 -18.89 9.79 10.02
C PRO A 67 -18.09 10.98 9.56
N VAL A 68 -17.74 10.98 8.29
CA VAL A 68 -16.78 11.91 7.73
C VAL A 68 -17.50 13.06 7.05
N GLY A 69 -17.07 14.28 7.36
CA GLY A 69 -17.66 15.50 6.84
C GLY A 69 -17.11 15.85 5.47
N THR A 70 -17.90 16.59 4.69
CA THR A 70 -17.53 16.97 3.33
C THR A 70 -17.64 18.48 3.01
N LYS A 71 -17.82 19.32 4.02
CA LYS A 71 -18.14 20.75 3.79
C LYS A 71 -17.01 21.49 3.12
N LYS A 72 -15.78 21.24 3.59
CA LYS A 72 -14.60 21.84 2.97
C LYS A 72 -14.37 21.31 1.54
N LEU A 73 -14.75 20.07 1.26
CA LEU A 73 -14.65 19.55 -0.10
C LEU A 73 -15.62 20.27 -1.06
N THR A 74 -16.88 20.35 -0.68
CA THR A 74 -17.85 21.01 -1.55
C THR A 74 -17.49 22.49 -1.77
N LYS A 75 -16.96 23.15 -0.75
CA LYS A 75 -16.51 24.55 -0.88
C LYS A 75 -15.37 24.66 -1.87
N SER A 76 -14.45 23.70 -1.84
CA SER A 76 -13.28 23.75 -2.68
C SER A 76 -13.60 23.65 -4.17
N PHE A 77 -14.64 22.90 -4.54
CA PHE A 77 -15.03 22.87 -5.97
C PHE A 77 -16.23 23.74 -6.29
N GLY A 78 -16.77 24.40 -5.27
CA GLY A 78 -17.79 25.42 -5.44
C GLY A 78 -19.20 24.97 -5.68
N TRP A 79 -19.53 23.72 -5.32
CA TRP A 79 -20.92 23.26 -5.39
C TRP A 79 -21.52 23.27 -4.00
N GLU A 80 -21.95 24.47 -3.58
CA GLU A 80 -22.38 24.71 -2.21
C GLU A 80 -23.91 24.78 -2.04
N THR A 81 -24.67 24.54 -3.10
CA THR A 81 -26.13 24.49 -3.03
C THR A 81 -26.64 23.31 -3.82
N LEU A 82 -27.88 22.94 -3.52
CA LEU A 82 -28.61 21.92 -4.26
C LEU A 82 -28.58 22.15 -5.76
N ASP A 83 -28.72 23.41 -6.19
CA ASP A 83 -28.78 23.70 -7.64
CA ASP A 83 -28.78 23.71 -7.64
C ASP A 83 -27.55 23.20 -8.39
N SER A 84 -26.37 23.34 -7.77
CA SER A 84 -25.12 22.82 -8.34
C SER A 84 -25.23 21.35 -8.68
N PHE A 85 -25.74 20.56 -7.76
CA PHE A 85 -25.93 19.15 -8.03
C PHE A 85 -27.00 18.84 -9.08
N MET A 86 -28.03 19.67 -9.13
CA MET A 86 -29.12 19.46 -10.08
CA MET A 86 -29.11 19.44 -10.08
C MET A 86 -28.69 19.79 -11.50
N GLN A 87 -27.68 20.64 -11.66
CA GLN A 87 -27.27 21.01 -13.01
C GLN A 87 -26.19 20.11 -13.61
N HIS A 88 -25.78 19.04 -12.92
CA HIS A 88 -24.73 18.17 -13.40
C HIS A 88 -25.11 16.70 -13.25
N ASP A 89 -24.69 15.85 -14.21
CA ASP A 89 -24.78 14.42 -14.02
C ASP A 89 -23.68 13.96 -13.05
N VAL A 90 -23.88 12.77 -12.49
CA VAL A 90 -22.87 12.18 -11.59
C VAL A 90 -21.49 12.09 -12.26
N GLN A 91 -21.46 11.79 -13.55
CA GLN A 91 -20.15 11.69 -14.27
C GLN A 91 -19.43 12.99 -14.39
N GLU A 92 -20.18 14.10 -14.38
CA GLU A 92 -19.58 15.42 -14.41
C GLU A 92 -18.88 15.76 -13.14
N LEU A 93 -19.50 15.39 -12.03
CA LEU A 93 -18.83 15.49 -10.73
C LEU A 93 -17.59 14.65 -10.68
N CYS A 94 -17.70 13.43 -11.20
CA CYS A 94 -16.52 12.56 -11.19
C CYS A 94 -15.36 13.20 -11.96
N ARG A 95 -15.64 13.73 -13.14
CA ARG A 95 -14.63 14.45 -13.92
C ARG A 95 -14.04 15.69 -13.23
N VAL A 96 -14.86 16.51 -12.58
CA VAL A 96 -14.32 17.61 -11.78
C VAL A 96 -13.27 17.09 -10.79
N LEU A 97 -13.63 16.02 -10.08
CA LEU A 97 -12.74 15.48 -9.05
C LEU A 97 -11.47 14.87 -9.66
N LEU A 98 -11.66 13.97 -10.62
CA LEU A 98 -10.54 13.27 -11.23
C LEU A 98 -9.63 14.22 -12.05
N ASP A 99 -10.19 15.18 -12.76
CA ASP A 99 -9.34 16.15 -13.49
C ASP A 99 -8.49 17.00 -12.53
N ASN A 100 -9.09 17.43 -11.43
CA ASN A 100 -8.36 18.21 -10.42
CA ASN A 100 -8.35 18.24 -10.47
C ASN A 100 -7.19 17.42 -9.87
N VAL A 101 -7.45 16.19 -9.45
CA VAL A 101 -6.37 15.36 -8.87
C VAL A 101 -5.29 14.95 -9.90
N GLU A 102 -5.68 14.66 -11.13
CA GLU A 102 -4.70 14.32 -12.16
C GLU A 102 -3.79 15.50 -12.43
N ASN A 103 -4.35 16.69 -12.54
CA ASN A 103 -3.55 17.93 -12.73
C ASN A 103 -2.52 18.15 -11.63
N LYS A 104 -2.93 17.94 -10.38
CA LYS A 104 -2.01 18.05 -9.25
C LYS A 104 -0.90 16.97 -9.22
N MET A 105 -1.14 15.82 -9.84
CA MET A 105 -0.15 14.76 -9.98
C MET A 105 0.87 14.99 -11.13
N LYS A 106 0.67 16.04 -11.93
CA LYS A 106 1.59 16.32 -13.04
C LYS A 106 2.98 16.52 -12.47
N GLY A 107 3.96 15.78 -13.01
CA GLY A 107 5.35 15.92 -12.61
C GLY A 107 5.68 15.26 -11.29
N THR A 108 4.85 14.30 -10.87
CA THR A 108 5.06 13.56 -9.63
C THR A 108 5.23 12.09 -9.96
N CYS A 109 5.53 11.29 -8.94
CA CYS A 109 5.66 9.83 -9.08
C CYS A 109 4.35 9.11 -9.38
N VAL A 110 3.21 9.80 -9.25
CA VAL A 110 1.91 9.21 -9.62
C VAL A 110 1.25 9.85 -10.84
N GLU A 111 2.00 10.63 -11.61
CA GLU A 111 1.47 11.25 -12.85
C GLU A 111 0.95 10.16 -13.74
N GLY A 112 -0.21 10.40 -14.35
CA GLY A 112 -0.82 9.40 -15.24
C GLY A 112 -1.77 8.39 -14.59
N THR A 113 -1.97 8.47 -13.29
CA THR A 113 -2.80 7.48 -12.57
C THR A 113 -4.23 7.47 -13.09
N ILE A 114 -4.79 8.67 -13.26
CA ILE A 114 -6.18 8.81 -13.66
C ILE A 114 -6.42 8.16 -15.02
N PRO A 115 -5.62 8.52 -16.06
CA PRO A 115 -5.83 7.81 -17.33
C PRO A 115 -5.56 6.32 -17.28
N LYS A 116 -4.52 5.94 -16.54
CA LYS A 116 -4.20 4.54 -16.40
C LYS A 116 -5.42 3.71 -15.91
N LEU A 117 -6.11 4.22 -14.90
CA LEU A 117 -7.28 3.54 -14.32
C LEU A 117 -8.56 3.66 -15.13
N PHE A 118 -8.81 4.85 -15.66
CA PHE A 118 -10.16 5.19 -16.11
C PHE A 118 -10.34 5.42 -17.60
N ARG A 119 -9.26 5.62 -18.34
CA ARG A 119 -9.37 6.05 -19.76
C ARG A 119 -9.39 4.86 -20.69
N GLY A 120 -10.41 4.81 -21.52
CA GLY A 120 -10.45 3.93 -22.65
C GLY A 120 -10.36 4.71 -23.96
N LYS A 121 -10.29 3.96 -25.04
CA LYS A 121 -10.18 4.48 -26.40
C LYS A 121 -11.33 3.97 -27.23
N MET A 122 -11.95 4.89 -27.99
CA MET A 122 -12.98 4.53 -28.95
C MET A 122 -12.73 5.27 -30.28
N VAL A 123 -13.44 4.85 -31.30
CA VAL A 123 -13.44 5.58 -32.59
C VAL A 123 -14.88 5.63 -33.06
N SER A 124 -15.30 6.84 -33.44
CA SER A 124 -16.61 7.10 -34.01
C SER A 124 -16.42 7.30 -35.53
N TYR A 125 -17.19 6.61 -36.36
CA TYR A 125 -17.00 6.62 -37.83
C TYR A 125 -18.27 6.87 -38.61
N ILE A 126 -18.12 7.42 -39.81
CA ILE A 126 -19.21 7.50 -40.77
C ILE A 126 -18.59 6.99 -42.07
N GLN A 127 -19.21 5.96 -42.66
CA GLN A 127 -18.63 5.26 -43.83
C GLN A 127 -19.61 5.39 -44.97
N CYS A 128 -19.17 6.05 -46.03
CA CYS A 128 -20.02 6.21 -47.22
C CYS A 128 -20.15 4.85 -47.93
N LYS A 129 -21.36 4.49 -48.31
CA LYS A 129 -21.63 3.19 -48.95
C LYS A 129 -21.32 3.19 -50.45
N GLU A 130 -21.67 4.29 -51.14
CA GLU A 130 -21.46 4.42 -52.62
C GLU A 130 -20.11 5.05 -53.02
N VAL A 131 -19.44 5.75 -52.11
CA VAL A 131 -18.18 6.41 -52.45
C VAL A 131 -17.09 6.11 -51.45
N ASP A 132 -15.86 6.37 -51.88
CA ASP A 132 -14.67 6.08 -51.10
C ASP A 132 -14.39 7.27 -50.19
N TYR A 133 -15.14 7.32 -49.09
CA TYR A 133 -14.95 8.34 -48.07
C TYR A 133 -15.37 7.82 -46.67
N ARG A 134 -14.49 8.03 -45.70
CA ARG A 134 -14.74 7.69 -44.30
C ARG A 134 -14.16 8.79 -43.39
N SER A 135 -14.96 9.24 -42.43
CA SER A 135 -14.50 10.13 -41.38
C SER A 135 -14.35 9.27 -40.13
N ASP A 136 -13.18 9.31 -39.52
CA ASP A 136 -12.87 8.58 -38.28
C ASP A 136 -12.53 9.61 -37.22
N ARG A 137 -13.17 9.52 -36.05
CA ARG A 137 -12.84 10.39 -34.92
C ARG A 137 -12.51 9.53 -33.70
N ARG A 138 -11.24 9.52 -33.36
CA ARG A 138 -10.74 8.81 -32.21
C ARG A 138 -10.89 9.69 -31.00
N GLU A 139 -11.41 9.12 -29.93
CA GLU A 139 -11.63 9.85 -28.68
C GLU A 139 -11.28 9.00 -27.49
N ASP A 140 -10.71 9.64 -26.49
CA ASP A 140 -10.63 9.06 -25.16
C ASP A 140 -12.02 9.11 -24.49
N TYR A 141 -12.31 8.13 -23.62
CA TYR A 141 -13.50 8.22 -22.77
C TYR A 141 -13.15 7.78 -21.38
N TYR A 142 -13.84 8.35 -20.40
CA TYR A 142 -13.63 8.01 -18.98
C TYR A 142 -14.83 7.33 -18.33
N ASP A 143 -15.92 7.28 -19.07
CA ASP A 143 -17.18 6.73 -18.61
C ASP A 143 -17.99 6.43 -19.87
N ILE A 144 -19.04 5.63 -19.71
CA ILE A 144 -19.93 5.24 -20.81
C ILE A 144 -21.36 5.48 -20.35
N GLN A 145 -22.18 6.14 -21.17
CA GLN A 145 -23.59 6.32 -20.87
C GLN A 145 -24.39 5.29 -21.68
N LEU A 146 -25.05 4.37 -20.97
CA LEU A 146 -25.69 3.20 -21.59
C LEU A 146 -27.19 3.40 -21.69
N SER A 147 -27.75 3.18 -22.88
CA SER A 147 -29.20 3.27 -23.07
C SER A 147 -29.88 2.07 -22.41
N ILE A 148 -30.91 2.31 -21.62
CA ILE A 148 -31.67 1.22 -20.97
C ILE A 148 -33.09 1.05 -21.51
N LYS A 149 -33.69 2.12 -22.05
CA LYS A 149 -35.10 2.10 -22.49
C LYS A 149 -35.25 1.07 -23.57
N GLY A 150 -36.04 0.04 -23.32
CA GLY A 150 -36.21 -1.05 -24.29
C GLY A 150 -35.10 -2.08 -24.31
N LYS A 151 -34.18 -2.01 -23.33
CA LYS A 151 -33.09 -2.96 -23.23
C LYS A 151 -33.26 -3.72 -21.92
N LYS A 152 -33.01 -5.03 -21.98
CA LYS A 152 -33.27 -5.90 -20.85
C LYS A 152 -32.16 -5.80 -19.84
N ASN A 153 -30.93 -5.73 -20.35
CA ASN A 153 -29.74 -5.85 -19.53
C ASN A 153 -28.53 -5.11 -20.14
N ILE A 154 -27.39 -5.15 -19.45
CA ILE A 154 -26.14 -4.54 -19.90
C ILE A 154 -25.74 -5.06 -21.28
N PHE A 155 -25.82 -6.37 -21.48
CA PHE A 155 -25.49 -6.96 -22.76
C PHE A 155 -26.25 -6.32 -23.96
N GLU A 156 -27.57 -6.14 -23.81
CA GLU A 156 -28.40 -5.54 -24.86
C GLU A 156 -28.10 -4.05 -25.03
N SER A 157 -27.72 -3.39 -23.94
CA SER A 157 -27.28 -2.01 -24.04
C SER A 157 -25.98 -1.86 -24.81
N PHE A 158 -25.02 -2.76 -24.58
CA PHE A 158 -23.78 -2.70 -25.31
C PHE A 158 -24.01 -2.98 -26.80
N VAL A 159 -24.89 -3.92 -27.09
CA VAL A 159 -25.23 -4.22 -28.50
C VAL A 159 -25.76 -2.95 -29.18
N ASP A 160 -26.66 -2.27 -28.50
CA ASP A 160 -27.19 -1.02 -29.00
C ASP A 160 -26.20 0.11 -29.09
N TYR A 161 -25.24 0.17 -28.17
CA TYR A 161 -24.17 1.16 -28.22
C TYR A 161 -23.31 1.09 -29.48
N VAL A 162 -22.98 -0.12 -29.92
CA VAL A 162 -22.17 -0.31 -31.12
C VAL A 162 -22.99 -0.68 -32.36
N ALA A 163 -24.30 -0.54 -32.28
CA ALA A 163 -25.18 -0.80 -33.42
C ALA A 163 -24.88 0.19 -34.56
N VAL A 164 -24.91 -0.31 -35.79
CA VAL A 164 -24.64 0.49 -36.99
C VAL A 164 -25.93 1.21 -37.37
N GLU A 165 -25.87 2.54 -37.47
CA GLU A 165 -27.02 3.34 -37.88
C GLU A 165 -26.94 3.64 -39.40
N GLN A 166 -28.08 3.59 -40.08
CA GLN A 166 -28.14 3.86 -41.50
C GLN A 166 -28.47 5.31 -41.72
N LEU A 167 -27.63 6.01 -42.49
CA LEU A 167 -27.86 7.41 -42.84
C LEU A 167 -28.31 7.44 -44.31
N ASP A 168 -29.62 7.47 -44.52
CA ASP A 168 -30.18 7.31 -45.86
C ASP A 168 -31.45 8.14 -45.97
N GLY A 169 -32.07 8.13 -47.15
CA GLY A 169 -33.34 8.82 -47.35
C GLY A 169 -33.19 10.33 -47.17
N ASP A 170 -33.96 10.90 -46.24
CA ASP A 170 -33.82 12.31 -45.86
C ASP A 170 -32.65 12.56 -44.90
N ASN A 171 -32.05 11.48 -44.40
CA ASN A 171 -31.04 11.52 -43.37
C ASN A 171 -29.62 11.23 -43.93
N LYS A 172 -29.37 11.56 -45.21
CA LYS A 172 -28.10 11.23 -45.86
C LYS A 172 -26.98 12.10 -45.27
N TYR A 173 -25.76 11.62 -45.41
CA TYR A 173 -24.59 12.27 -44.82
C TYR A 173 -24.07 13.31 -45.79
N ASP A 174 -23.74 14.48 -45.27
CA ASP A 174 -23.08 15.51 -46.06
C ASP A 174 -21.62 15.13 -46.23
N ALA A 175 -21.30 14.55 -47.39
CA ALA A 175 -19.96 14.10 -47.68
C ALA A 175 -19.13 15.12 -48.45
N GLY A 176 -19.45 16.41 -48.30
CA GLY A 176 -18.60 17.47 -48.84
C GLY A 176 -18.64 17.52 -50.36
N GLU A 177 -17.48 17.36 -50.98
CA GLU A 177 -17.38 17.42 -52.43
C GLU A 177 -18.09 16.25 -53.11
N HIS A 178 -18.19 15.11 -52.42
CA HIS A 178 -18.99 13.96 -52.85
C HIS A 178 -20.51 14.17 -52.77
N GLY A 179 -20.98 15.29 -52.24
CA GLY A 179 -22.41 15.59 -52.09
C GLY A 179 -23.09 14.79 -50.99
N LEU A 180 -24.42 14.83 -50.92
CA LEU A 180 -25.16 13.97 -49.98
C LEU A 180 -24.94 12.49 -50.34
N GLN A 181 -24.65 11.67 -49.34
CA GLN A 181 -24.34 10.26 -49.55
C GLN A 181 -25.05 9.37 -48.53
N GLU A 182 -25.51 8.21 -49.01
CA GLU A 182 -25.98 7.15 -48.11
C GLU A 182 -24.78 6.69 -47.32
N ALA A 183 -24.95 6.47 -46.02
CA ALA A 183 -23.80 6.07 -45.24
C ALA A 183 -24.21 5.28 -44.03
N GLU A 184 -23.21 4.77 -43.34
CA GLU A 184 -23.43 4.13 -42.06
C GLU A 184 -22.48 4.67 -40.99
N LYS A 185 -23.05 4.80 -39.80
CA LYS A 185 -22.43 5.52 -38.69
C LYS A 185 -22.36 4.57 -37.50
N GLY A 186 -21.23 4.56 -36.79
CA GLY A 186 -21.08 3.69 -35.63
C GLY A 186 -19.97 4.12 -34.69
N VAL A 187 -19.91 3.41 -33.57
CA VAL A 187 -18.85 3.61 -32.60
C VAL A 187 -18.22 2.25 -32.42
N LYS A 188 -16.90 2.24 -32.28
CA LYS A 188 -16.18 1.03 -31.95
C LYS A 188 -15.37 1.26 -30.69
N PHE A 189 -15.30 0.23 -29.85
CA PHE A 189 -14.43 0.24 -28.67
C PHE A 189 -13.09 -0.34 -29.04
N LEU A 190 -12.03 0.43 -28.84
CA LEU A 190 -10.69 -0.08 -29.07
C LEU A 190 -10.09 -0.64 -27.80
N THR A 191 -10.20 0.11 -26.72
CA THR A 191 -9.82 -0.38 -25.39
C THR A 191 -10.95 -0.15 -24.39
N LEU A 192 -10.90 -0.94 -23.32
CA LEU A 192 -11.75 -0.80 -22.15
C LEU A 192 -10.82 -0.63 -20.95
N PRO A 193 -11.13 0.32 -20.07
CA PRO A 193 -10.16 0.62 -19.04
C PRO A 193 -10.20 -0.35 -17.86
N PRO A 194 -9.17 -0.33 -17.01
CA PRO A 194 -9.21 -1.18 -15.82
C PRO A 194 -10.45 -0.97 -14.93
N VAL A 195 -10.84 0.30 -14.76
CA VAL A 195 -12.01 0.65 -13.97
C VAL A 195 -13.01 1.32 -14.92
N LEU A 196 -14.16 0.69 -15.02
CA LEU A 196 -15.17 0.98 -16.02
C LEU A 196 -16.36 1.55 -15.33
N HIS A 197 -16.58 2.85 -15.55
CA HIS A 197 -17.71 3.60 -15.06
C HIS A 197 -18.82 3.61 -16.10
N LEU A 198 -19.95 3.04 -15.73
CA LEU A 198 -21.13 2.98 -16.59
C LEU A 198 -22.24 3.75 -15.94
N GLN A 199 -22.79 4.75 -16.63
CA GLN A 199 -24.00 5.37 -16.15
C GLN A 199 -25.15 4.84 -16.96
N LEU A 200 -26.27 4.58 -16.29
CA LEU A 200 -27.46 4.12 -16.98
C LEU A 200 -28.31 5.33 -17.33
N MET A 201 -28.86 5.33 -18.54
CA MET A 201 -29.65 6.46 -19.00
C MET A 201 -31.09 6.42 -18.49
N ARG A 202 -31.25 6.76 -17.24
CA ARG A 202 -32.55 6.82 -16.59
C ARG A 202 -33.16 8.22 -16.52
N PHE A 203 -32.44 9.25 -16.94
CA PHE A 203 -32.96 10.59 -16.80
C PHE A 203 -33.17 11.15 -18.22
N MET A 204 -34.34 10.82 -18.76
CA MET A 204 -34.67 10.96 -20.17
C MET A 204 -35.58 12.17 -20.42
N TYR A 205 -35.31 12.89 -21.51
CA TYR A 205 -36.18 13.98 -21.92
C TYR A 205 -37.56 13.43 -22.26
N ASP A 206 -38.59 14.11 -21.78
CA ASP A 206 -39.96 13.72 -22.11
C ASP A 206 -40.63 14.95 -22.77
N PRO A 207 -41.14 14.78 -24.01
CA PRO A 207 -41.81 15.91 -24.66
C PRO A 207 -43.08 16.36 -23.92
N GLN A 208 -43.95 15.40 -23.61
CA GLN A 208 -45.24 15.65 -22.95
C GLN A 208 -45.05 16.55 -21.72
N THR A 209 -44.20 16.11 -20.80
CA THR A 209 -43.96 16.85 -19.57
C THR A 209 -42.96 18.00 -19.77
N ASP A 210 -42.22 17.98 -20.88
CA ASP A 210 -41.23 19.00 -21.20
C ASP A 210 -40.23 19.29 -20.06
N GLN A 211 -39.42 18.26 -19.80
CA GLN A 211 -38.14 18.31 -19.06
CA GLN A 211 -38.18 18.30 -18.99
C GLN A 211 -37.73 16.86 -18.81
N ASN A 212 -36.56 16.64 -18.22
CA ASN A 212 -36.14 15.27 -17.94
C ASN A 212 -37.02 14.65 -16.83
N ILE A 213 -37.31 13.35 -16.97
CA ILE A 213 -38.00 12.58 -15.92
C ILE A 213 -37.25 11.27 -15.69
N LYS A 214 -37.17 10.85 -14.42
CA LYS A 214 -36.49 9.59 -14.13
C LYS A 214 -37.35 8.46 -14.58
N ILE A 215 -36.78 7.53 -15.34
CA ILE A 215 -37.49 6.31 -15.71
C ILE A 215 -37.07 5.15 -14.81
N ASN A 216 -38.07 4.37 -14.38
CA ASN A 216 -37.89 3.31 -13.38
C ASN A 216 -37.93 1.90 -13.95
N ASP A 217 -37.73 1.81 -15.28
CA ASP A 217 -37.80 0.53 -15.98
C ASP A 217 -36.83 -0.46 -15.40
N ARG A 218 -37.29 -1.69 -15.24
CA ARG A 218 -36.39 -2.77 -14.83
C ARG A 218 -35.25 -2.93 -15.84
N PHE A 219 -34.01 -2.97 -15.34
CA PHE A 219 -32.80 -3.12 -16.16
C PHE A 219 -31.75 -3.93 -15.37
N GLU A 220 -31.33 -5.04 -15.93
CA GLU A 220 -30.57 -6.05 -15.22
C GLU A 220 -29.08 -5.90 -15.56
N PHE A 221 -28.23 -6.15 -14.58
CA PHE A 221 -26.78 -6.09 -14.76
C PHE A 221 -26.14 -7.24 -13.98
N PRO A 222 -25.09 -7.84 -14.52
CA PRO A 222 -24.54 -9.04 -13.90
C PRO A 222 -23.38 -8.77 -12.96
N GLU A 223 -23.15 -9.69 -12.02
CA GLU A 223 -21.91 -9.71 -11.26
C GLU A 223 -20.65 -9.86 -12.14
N GLN A 224 -20.72 -10.72 -13.15
CA GLN A 224 -19.63 -10.93 -14.05
C GLN A 224 -20.05 -10.52 -15.47
N LEU A 225 -19.21 -9.73 -16.12
CA LEU A 225 -19.54 -9.06 -17.37
C LEU A 225 -18.43 -9.27 -18.41
N PRO A 226 -18.64 -10.15 -19.41
CA PRO A 226 -17.68 -10.35 -20.49
C PRO A 226 -17.94 -9.34 -21.62
N LEU A 227 -16.92 -8.58 -22.00
CA LEU A 227 -17.08 -7.51 -23.01
C LEU A 227 -16.23 -7.68 -24.28
N ASP A 228 -15.55 -8.84 -24.41
CA ASP A 228 -14.68 -9.11 -25.58
C ASP A 228 -15.36 -8.94 -26.92
N GLU A 229 -16.65 -9.24 -26.97
CA GLU A 229 -17.37 -9.16 -28.22
C GLU A 229 -17.65 -7.72 -28.65
N PHE A 230 -17.44 -6.75 -27.74
CA PHE A 230 -17.65 -5.34 -28.07
C PHE A 230 -16.37 -4.58 -28.42
N LEU A 231 -15.22 -5.28 -28.38
CA LEU A 231 -13.95 -4.75 -28.85
C LEU A 231 -13.74 -5.05 -30.33
N GLN A 232 -13.08 -4.13 -31.04
CA GLN A 232 -12.71 -4.35 -32.45
C GLN A 232 -11.72 -5.50 -32.57
N LYS A 233 -10.70 -5.49 -31.71
CA LYS A 233 -9.74 -6.58 -31.65
C LYS A 233 -9.52 -6.98 -30.20
N THR A 234 -9.77 -8.24 -29.87
CA THR A 234 -9.55 -8.78 -28.54
C THR A 234 -8.08 -9.14 -28.34
N ASP A 235 -7.72 -9.40 -27.09
CA ASP A 235 -6.37 -9.84 -26.67
C ASP A 235 -6.53 -11.16 -25.93
N PRO A 236 -5.97 -12.28 -26.47
CA PRO A 236 -6.12 -13.58 -25.78
C PRO A 236 -5.42 -13.69 -24.41
N LYS A 237 -4.35 -12.91 -24.19
CA LYS A 237 -3.68 -12.83 -22.86
C LYS A 237 -4.50 -12.06 -21.80
N ASP A 238 -5.42 -11.18 -22.23
CA ASP A 238 -6.14 -10.28 -21.32
C ASP A 238 -7.57 -10.06 -21.86
N PRO A 239 -8.45 -11.05 -21.66
CA PRO A 239 -9.84 -10.91 -22.10
C PRO A 239 -10.56 -9.82 -21.30
N ALA A 240 -11.50 -9.13 -21.93
CA ALA A 240 -12.22 -8.03 -21.28
C ALA A 240 -13.33 -8.55 -20.38
N ASN A 241 -12.94 -9.29 -19.34
CA ASN A 241 -13.88 -9.85 -18.36
C ASN A 241 -13.90 -8.93 -17.15
N TYR A 242 -15.09 -8.46 -16.78
CA TYR A 242 -15.27 -7.42 -15.74
C TYR A 242 -16.05 -7.96 -14.52
N ILE A 243 -15.70 -7.46 -13.34
CA ILE A 243 -16.29 -7.85 -12.08
C ILE A 243 -16.98 -6.63 -11.46
N LEU A 244 -18.22 -6.80 -11.04
CA LEU A 244 -18.98 -5.72 -10.44
C LEU A 244 -18.41 -5.30 -9.08
N HIS A 245 -18.10 -4.00 -8.95
CA HIS A 245 -17.55 -3.42 -7.73
C HIS A 245 -18.52 -2.56 -6.96
N ALA A 246 -19.31 -1.72 -7.65
CA ALA A 246 -20.16 -0.74 -6.98
C ALA A 246 -21.46 -0.56 -7.76
N VAL A 247 -22.53 -0.38 -7.00
CA VAL A 247 -23.85 -0.08 -7.53
C VAL A 247 -24.39 1.19 -6.87
N LEU A 248 -24.50 2.29 -7.62
CA LEU A 248 -24.97 3.55 -7.07
C LEU A 248 -26.47 3.61 -7.35
N VAL A 249 -27.24 3.89 -6.32
CA VAL A 249 -28.70 3.71 -6.30
C VAL A 249 -29.38 4.98 -5.89
N HIS A 250 -30.59 5.20 -6.45
CA HIS A 250 -31.39 6.32 -6.12
C HIS A 250 -32.83 5.84 -5.97
N SER A 251 -33.51 6.44 -5.00
CA SER A 251 -34.90 6.23 -4.71
C SER A 251 -35.62 7.51 -4.83
N GLY A 252 -36.73 7.49 -5.57
CA GLY A 252 -37.57 8.68 -5.66
C GLY A 252 -37.69 9.16 -7.08
N ASP A 253 -38.24 10.38 -7.21
CA ASP A 253 -38.48 11.00 -8.52
C ASP A 253 -37.76 12.31 -8.77
N ASN A 254 -36.93 12.74 -7.83
CA ASN A 254 -36.29 14.05 -7.89
C ASN A 254 -35.03 14.08 -7.00
N HIS A 255 -34.32 15.20 -7.01
CA HIS A 255 -33.06 15.34 -6.28
C HIS A 255 -33.20 15.39 -4.76
N GLY A 256 -34.43 15.51 -4.25
CA GLY A 256 -34.72 15.31 -2.82
C GLY A 256 -34.99 13.86 -2.43
N GLY A 257 -34.81 12.94 -3.38
CA GLY A 257 -34.86 11.52 -3.11
C GLY A 257 -33.59 11.09 -2.37
N HIS A 258 -33.44 9.79 -2.25
CA HIS A 258 -32.44 9.22 -1.39
C HIS A 258 -31.38 8.50 -2.21
N TYR A 259 -30.12 8.77 -1.89
CA TYR A 259 -28.97 8.21 -2.63
C TYR A 259 -28.13 7.33 -1.71
N VAL A 260 -27.85 6.11 -2.16
CA VAL A 260 -26.96 5.15 -1.44
C VAL A 260 -26.03 4.46 -2.44
N VAL A 261 -24.97 3.81 -1.96
CA VAL A 261 -24.16 3.01 -2.83
C VAL A 261 -23.88 1.69 -2.14
N TYR A 262 -23.91 0.65 -2.95
CA TYR A 262 -23.51 -0.67 -2.55
C TYR A 262 -22.14 -0.94 -3.10
N LEU A 263 -21.26 -1.52 -2.28
CA LEU A 263 -19.93 -1.92 -2.73
C LEU A 263 -19.54 -3.27 -2.16
N ASN A 264 -18.70 -3.96 -2.92
CA ASN A 264 -17.89 -5.09 -2.36
C ASN A 264 -16.46 -4.67 -2.48
N PRO A 265 -15.96 -3.88 -1.50
CA PRO A 265 -14.69 -3.17 -1.71
C PRO A 265 -13.51 -4.02 -2.14
N LYS A 266 -13.44 -5.25 -1.63
CA LYS A 266 -12.35 -6.17 -2.01
C LYS A 266 -12.56 -6.89 -3.33
N GLY A 267 -13.72 -6.74 -3.95
CA GLY A 267 -13.98 -7.44 -5.19
C GLY A 267 -14.13 -8.94 -4.98
N ASP A 268 -14.58 -9.31 -3.79
CA ASP A 268 -14.69 -10.71 -3.36
C ASP A 268 -16.13 -11.17 -3.20
N GLY A 269 -17.11 -10.34 -3.59
CA GLY A 269 -18.52 -10.69 -3.50
C GLY A 269 -19.16 -10.50 -2.14
N LYS A 270 -18.46 -9.85 -1.21
CA LYS A 270 -18.97 -9.56 0.12
C LYS A 270 -19.37 -8.08 0.18
N TRP A 271 -20.66 -7.84 0.19
CA TRP A 271 -21.18 -6.50 -0.06
C TRP A 271 -21.57 -5.78 1.19
N CYS A 272 -21.45 -4.46 1.13
CA CYS A 272 -21.99 -3.54 2.11
C CYS A 272 -22.81 -2.46 1.41
N LYS A 273 -23.82 -1.98 2.13
CA LYS A 273 -24.60 -0.81 1.82
C LYS A 273 -24.07 0.42 2.55
N PHE A 274 -23.74 1.45 1.79
CA PHE A 274 -23.30 2.72 2.36
C PHE A 274 -24.39 3.76 2.22
N ASP A 275 -25.02 4.11 3.34
CA ASP A 275 -26.14 5.06 3.39
C ASP A 275 -25.77 6.21 4.29
N ASP A 276 -25.04 7.16 3.71
CA ASP A 276 -24.42 8.25 4.42
C ASP A 276 -23.66 7.71 5.63
N ASP A 277 -24.08 8.05 6.85
CA ASP A 277 -23.36 7.71 8.06
C ASP A 277 -23.45 6.25 8.52
N VAL A 278 -24.41 5.51 7.97
CA VAL A 278 -24.62 4.11 8.28
C VAL A 278 -24.09 3.23 7.17
N VAL A 279 -23.09 2.41 7.49
CA VAL A 279 -22.60 1.36 6.60
C VAL A 279 -22.98 0.02 7.21
N SER A 280 -23.63 -0.83 6.43
CA SER A 280 -24.14 -2.10 6.94
C SER A 280 -23.85 -3.24 5.98
N ARG A 281 -23.67 -4.45 6.52
CA ARG A 281 -23.52 -5.62 5.67
C ARG A 281 -24.84 -5.89 4.96
N CYS A 282 -24.74 -6.34 3.73
CA CYS A 282 -25.92 -6.67 2.95
C CYS A 282 -25.68 -7.91 2.11
N THR A 283 -26.76 -8.52 1.63
CA THR A 283 -26.62 -9.64 0.73
C THR A 283 -26.28 -9.15 -0.67
N LYS A 284 -25.72 -10.06 -1.45
CA LYS A 284 -25.40 -9.81 -2.84
C LYS A 284 -26.69 -9.51 -3.66
N GLU A 285 -27.76 -10.17 -3.29
CA GLU A 285 -29.06 -10.00 -3.90
C GLU A 285 -29.61 -8.59 -3.60
N GLU A 286 -29.41 -8.08 -2.38
CA GLU A 286 -29.74 -6.69 -2.04
CA GLU A 286 -29.74 -6.68 -2.06
C GLU A 286 -28.93 -5.68 -2.92
N ALA A 287 -27.66 -5.96 -3.17
CA ALA A 287 -26.80 -5.07 -3.96
C ALA A 287 -27.11 -5.07 -5.44
N ILE A 288 -27.39 -6.26 -5.96
CA ILE A 288 -27.49 -6.54 -7.39
C ILE A 288 -28.98 -6.61 -7.84
N GLU A 289 -29.62 -7.80 -7.82
CA GLU A 289 -31.01 -7.94 -8.35
CA GLU A 289 -31.00 -7.96 -8.34
C GLU A 289 -32.03 -6.97 -7.76
N HIS A 290 -31.92 -6.63 -6.47
CA HIS A 290 -32.89 -5.72 -5.88
C HIS A 290 -32.80 -4.32 -6.45
N ASN A 291 -31.69 -4.00 -7.11
CA ASN A 291 -31.53 -2.71 -7.77
C ASN A 291 -31.75 -2.71 -9.27
N TYR A 292 -32.27 -3.82 -9.79
CA TYR A 292 -32.71 -3.91 -11.16
C TYR A 292 -33.92 -3.02 -11.44
N GLY A 293 -34.71 -2.74 -10.42
CA GLY A 293 -35.91 -1.91 -10.53
C GLY A 293 -37.13 -2.81 -10.53
N GLY A 294 -38.26 -2.27 -10.09
CA GLY A 294 -39.47 -3.07 -9.94
C GLY A 294 -39.93 -3.77 -11.20
N HIS A 295 -40.58 -4.93 -10.99
CA HIS A 295 -41.25 -5.69 -12.07
C HIS A 295 -42.46 -4.92 -12.54
N ASP A 296 -42.64 -4.85 -13.87
CA ASP A 296 -43.76 -4.09 -14.41
C ASP A 296 -45.12 -4.77 -14.18
N ASP A 297 -45.12 -6.07 -13.88
CA ASP A 297 -46.37 -6.78 -13.45
C ASP A 297 -46.77 -6.58 -11.96
N ASP A 298 -46.08 -5.67 -11.26
CA ASP A 298 -46.33 -5.41 -9.84
C ASP A 298 -46.81 -3.96 -9.68
N LEU A 299 -48.12 -3.81 -9.45
CA LEU A 299 -48.74 -2.50 -9.21
C LEU A 299 -48.85 -2.11 -7.72
N SER A 300 -48.10 -2.78 -6.84
CA SER A 300 -48.30 -2.60 -5.38
C SER A 300 -47.96 -1.17 -4.94
N VAL A 301 -46.85 -0.67 -5.47
CA VAL A 301 -46.29 0.63 -5.12
C VAL A 301 -45.61 1.21 -6.34
N ARG A 302 -45.23 2.47 -6.27
CA ARG A 302 -44.34 3.03 -7.28
C ARG A 302 -42.95 2.47 -6.99
N HIS A 303 -42.35 1.82 -7.98
CA HIS A 303 -40.98 1.25 -7.86
C HIS A 303 -39.93 2.26 -8.29
N CYS A 304 -39.60 3.16 -7.37
CA CYS A 304 -38.77 4.30 -7.71
C CYS A 304 -37.30 4.13 -7.21
N THR A 305 -36.93 2.91 -6.79
CA THR A 305 -35.58 2.56 -6.27
C THR A 305 -34.87 1.73 -7.30
N ASN A 306 -33.71 2.20 -7.80
CA ASN A 306 -32.93 1.42 -8.79
C ASN A 306 -31.52 2.00 -8.99
N ALA A 307 -30.72 1.24 -9.69
CA ALA A 307 -29.33 1.60 -9.98
C ALA A 307 -29.31 2.66 -11.05
N TYR A 308 -28.37 3.62 -10.95
CA TYR A 308 -28.10 4.54 -12.05
C TYR A 308 -26.65 4.54 -12.52
N MET A 309 -25.74 3.92 -11.75
CA MET A 309 -24.32 3.88 -12.14
C MET A 309 -23.72 2.62 -11.55
N LEU A 310 -22.90 1.98 -12.36
CA LEU A 310 -22.21 0.75 -12.04
C LEU A 310 -20.72 0.95 -12.24
N VAL A 311 -19.92 0.37 -11.36
CA VAL A 311 -18.49 0.37 -11.52
C VAL A 311 -18.08 -1.09 -11.63
N TYR A 312 -17.39 -1.40 -12.71
CA TYR A 312 -16.83 -2.72 -12.95
C TYR A 312 -15.33 -2.59 -13.00
N ILE A 313 -14.64 -3.63 -12.55
CA ILE A 313 -13.18 -3.66 -12.59
C ILE A 313 -12.75 -4.88 -13.41
N ARG A 314 -11.78 -4.70 -14.29
CA ARG A 314 -11.30 -5.78 -15.17
C ARG A 314 -10.61 -6.83 -14.32
N GLU A 315 -10.89 -8.09 -14.61
CA GLU A 315 -10.49 -9.23 -13.78
C GLU A 315 -8.96 -9.25 -13.63
N SER A 316 -8.29 -9.07 -14.76
CA SER A 316 -6.82 -9.06 -14.83
C SER A 316 -6.18 -7.90 -14.08
N LYS A 317 -6.96 -6.86 -13.76
CA LYS A 317 -6.44 -5.67 -13.06
C LYS A 317 -6.90 -5.58 -11.64
N LEU A 318 -7.74 -6.52 -11.22
CA LEU A 318 -8.48 -6.42 -9.95
C LEU A 318 -7.52 -6.34 -8.76
N SER A 319 -6.51 -7.22 -8.72
CA SER A 319 -5.58 -7.25 -7.58
CA SER A 319 -5.57 -7.26 -7.59
C SER A 319 -4.76 -5.96 -7.48
N GLU A 320 -4.46 -5.34 -8.62
CA GLU A 320 -3.75 -4.09 -8.64
C GLU A 320 -4.67 -2.87 -8.34
N VAL A 321 -5.83 -2.78 -8.97
CA VAL A 321 -6.76 -1.67 -8.64
C VAL A 321 -7.10 -1.70 -7.14
N LEU A 322 -7.36 -2.89 -6.61
CA LEU A 322 -7.78 -3.07 -5.22
C LEU A 322 -6.63 -3.45 -4.31
N GLN A 323 -5.41 -3.08 -4.70
CA GLN A 323 -4.25 -3.30 -3.87
C GLN A 323 -4.41 -2.74 -2.46
N ALA A 324 -3.86 -3.46 -1.50
CA ALA A 324 -4.07 -3.11 -0.11
C ALA A 324 -3.40 -1.75 0.23
N VAL A 325 -4.06 -0.99 1.10
CA VAL A 325 -3.61 0.35 1.48
C VAL A 325 -3.30 0.29 2.98
N THR A 326 -2.09 0.69 3.37
CA THR A 326 -1.71 0.71 4.78
C THR A 326 -1.37 2.10 5.28
N ASP A 327 -1.13 2.23 6.58
CA ASP A 327 -0.68 3.51 7.14
C ASP A 327 0.55 4.05 6.40
N HIS A 328 1.42 3.17 5.90
CA HIS A 328 2.62 3.57 5.18
C HIS A 328 2.35 4.29 3.85
N ASP A 329 1.15 4.13 3.32
CA ASP A 329 0.80 4.77 2.07
C ASP A 329 0.41 6.24 2.27
N ILE A 330 0.32 6.70 3.52
CA ILE A 330 0.02 8.11 3.80
C ILE A 330 1.30 8.80 4.30
N PRO A 331 1.85 9.73 3.51
CA PRO A 331 3.05 10.46 3.95
C PRO A 331 2.86 11.12 5.30
N GLN A 332 3.87 11.00 6.17
CA GLN A 332 3.77 11.71 7.45
C GLN A 332 3.58 13.22 7.29
N GLN A 333 4.16 13.80 6.24
CA GLN A 333 3.95 15.22 5.87
C GLN A 333 2.43 15.52 5.79
N LEU A 334 1.69 14.62 5.13
CA LEU A 334 0.23 14.82 4.95
C LEU A 334 -0.49 14.55 6.26
N VAL A 335 -0.08 13.51 6.97
CA VAL A 335 -0.69 13.23 8.29
C VAL A 335 -0.56 14.45 9.23
N GLU A 336 0.61 15.08 9.24
CA GLU A 336 0.84 16.24 10.11
C GLU A 336 0.02 17.44 9.66
N ARG A 337 -0.03 17.67 8.36
CA ARG A 337 -0.80 18.77 7.82
C ARG A 337 -2.29 18.60 8.12
N LEU A 338 -2.80 17.37 8.07
CA LEU A 338 -4.22 17.15 8.35
C LEU A 338 -4.55 17.35 9.80
N GLN A 339 -3.63 16.97 10.69
CA GLN A 339 -3.76 17.29 12.13
C GLN A 339 -3.76 18.80 12.40
N GLU A 340 -2.90 19.51 11.66
CA GLU A 340 -2.81 20.96 11.72
CA GLU A 340 -2.82 20.96 11.75
C GLU A 340 -4.14 21.57 11.30
N GLU A 341 -4.68 21.09 10.17
CA GLU A 341 -6.01 21.57 9.71
C GLU A 341 -7.10 21.30 10.75
N LYS A 342 -7.01 20.15 11.42
CA LYS A 342 -7.96 19.77 12.47
C LYS A 342 -7.93 20.76 13.67
N ARG A 343 -6.73 21.14 14.10
CA ARG A 343 -6.54 22.19 15.13
C ARG A 343 -7.10 23.54 14.69
N ILE A 344 -6.80 23.92 13.45
CA ILE A 344 -7.21 25.21 12.90
C ILE A 344 -8.73 25.32 12.78
N GLU A 345 -9.40 24.22 12.41
CA GLU A 345 -10.86 24.20 12.32
C GLU A 345 -11.51 23.98 13.71
N ALA A 346 -10.81 23.29 14.62
CA ALA A 346 -11.19 23.26 16.06
C ALA A 346 -11.21 24.66 16.74
N GLN A 347 -10.40 25.60 16.24
CA GLN A 347 -10.35 27.02 16.69
C GLN A 347 -11.28 27.98 15.90
N LYS A 348 -11.39 27.81 14.57
CA LYS A 348 -12.37 28.58 13.74
C LYS A 348 -13.79 28.43 14.26
N ARG A 349 -14.09 27.25 14.80
CA ARG A 349 -15.33 26.93 15.52
C ARG A 349 -15.53 27.81 16.75
N LYS A 350 -14.52 27.84 17.62
CA LYS A 350 -14.65 28.50 18.92
C LYS A 350 -14.71 30.03 18.79
N GLU A 351 -13.97 30.59 17.83
CA GLU A 351 -14.05 32.03 17.50
C GLU A 351 -15.40 32.44 16.87
N ARG A 352 -16.00 31.55 16.07
CA ARG A 352 -17.37 31.71 15.55
C ARG A 352 -18.42 31.67 16.67
N GLN A 353 -18.26 30.75 17.61
CA GLN A 353 -19.12 30.67 18.81
C GLN A 353 -18.95 31.88 19.75
N GLU A 354 -17.75 32.46 19.82
CA GLU A 354 -17.54 33.69 20.61
C GLU A 354 -18.28 34.92 20.04
N HIS A 355 -18.17 35.12 18.72
CA HIS A 355 -18.77 36.29 18.06
C HIS A 355 -20.31 36.20 17.86
N HIS A 356 -20.84 34.97 17.90
CA HIS A 356 -22.28 34.68 17.74
C HIS A 356 -23.06 34.54 19.06
N HIS A 357 -22.40 34.06 20.12
CA HIS A 357 -23.01 33.98 21.46
C HIS A 357 -22.75 35.28 22.21
N SER B 1 16.76 -22.30 -11.67
CA SER B 1 16.91 -20.81 -11.72
C SER B 1 15.89 -20.15 -10.78
N LYS B 2 15.66 -18.84 -10.97
CA LYS B 2 14.52 -18.11 -10.37
C LYS B 2 13.18 -18.87 -10.53
N LYS B 3 13.04 -19.56 -11.66
CA LYS B 3 11.91 -20.46 -11.95
C LYS B 3 11.33 -21.22 -10.73
N HIS B 4 12.20 -21.92 -10.01
CA HIS B 4 11.76 -22.89 -8.99
C HIS B 4 11.10 -22.26 -7.76
N THR B 5 11.70 -21.18 -7.26
CA THR B 5 11.29 -20.52 -6.03
C THR B 5 10.59 -19.18 -6.27
N GLY B 6 10.83 -18.56 -7.42
CA GLY B 6 10.39 -17.19 -7.67
C GLY B 6 11.36 -16.11 -7.20
N TYR B 7 12.51 -16.51 -6.65
CA TYR B 7 13.48 -15.58 -6.07
C TYR B 7 14.82 -15.73 -6.75
N VAL B 8 15.51 -14.62 -6.96
CA VAL B 8 16.85 -14.63 -7.58
C VAL B 8 17.95 -14.40 -6.54
N GLY B 9 19.15 -14.91 -6.81
CA GLY B 9 20.26 -14.80 -5.90
C GLY B 9 21.15 -13.59 -6.13
N LEU B 10 22.22 -13.52 -5.34
CA LEU B 10 23.26 -12.52 -5.45
C LEU B 10 24.54 -13.24 -5.83
N LYS B 11 25.47 -12.52 -6.43
CA LYS B 11 26.75 -13.09 -6.88
C LYS B 11 27.63 -13.43 -5.67
N ASN B 12 28.52 -14.41 -5.85
CA ASN B 12 29.42 -14.95 -4.78
C ASN B 12 29.95 -14.03 -3.65
N GLN B 13 29.86 -14.55 -2.42
CA GLN B 13 30.13 -13.80 -1.19
C GLN B 13 31.61 -13.43 -0.94
N GLY B 14 32.56 -14.08 -1.61
CA GLY B 14 34.01 -13.95 -1.30
C GLY B 14 34.50 -12.66 -0.67
N ALA B 15 34.36 -11.55 -1.38
CA ALA B 15 34.81 -10.26 -0.85
C ALA B 15 33.93 -9.72 0.31
N THR B 16 32.68 -10.16 0.39
CA THR B 16 31.67 -9.41 1.14
C THR B 16 30.98 -10.16 2.28
N CYS B 17 31.34 -11.44 2.49
CA CYS B 17 31.04 -12.16 3.72
C CYS B 17 29.51 -12.20 3.94
N TYR B 18 29.08 -11.59 5.03
CA TYR B 18 27.66 -11.57 5.48
C TYR B 18 26.78 -10.62 4.67
N MET B 19 27.36 -9.83 3.78
CA MET B 19 26.54 -8.86 3.05
C MET B 19 25.36 -9.41 2.23
N ASN B 20 25.54 -10.44 1.39
CA ASN B 20 24.43 -10.96 0.61
C ASN B 20 23.28 -11.45 1.48
N SER B 21 23.63 -12.03 2.63
CA SER B 21 22.66 -12.52 3.60
C SER B 21 21.78 -11.37 4.10
N LEU B 22 22.43 -10.25 4.43
CA LEU B 22 21.73 -9.08 4.92
C LEU B 22 20.91 -8.44 3.83
N LEU B 23 21.45 -8.40 2.60
CA LEU B 23 20.71 -7.82 1.50
C LEU B 23 19.41 -8.52 1.22
N GLN B 24 19.42 -9.85 1.21
CA GLN B 24 18.14 -10.58 0.99
C GLN B 24 17.16 -10.29 2.10
N THR B 25 17.67 -10.29 3.32
CA THR B 25 16.88 -9.99 4.51
C THR B 25 16.16 -8.64 4.40
N LEU B 26 16.91 -7.63 3.95
CA LEU B 26 16.36 -6.29 3.79
C LEU B 26 15.43 -6.21 2.60
N PHE B 27 15.77 -6.88 1.49
CA PHE B 27 14.91 -6.93 0.29
C PHE B 27 13.49 -7.48 0.54
N PHE B 28 13.42 -8.52 1.35
CA PHE B 28 12.16 -9.15 1.74
C PHE B 28 11.43 -8.47 2.92
N THR B 29 11.96 -7.32 3.39
CA THR B 29 11.28 -6.44 4.30
C THR B 29 10.52 -5.49 3.40
N ASN B 30 9.35 -5.94 2.95
CA ASN B 30 8.70 -5.31 1.79
C ASN B 30 8.50 -3.82 1.97
N GLN B 31 8.07 -3.43 3.16
CA GLN B 31 7.79 -2.03 3.42
C GLN B 31 9.05 -1.17 3.26
N LEU B 32 10.20 -1.66 3.73
CA LEU B 32 11.46 -0.99 3.46
C LEU B 32 11.74 -0.86 1.95
N ARG B 33 11.56 -1.96 1.24
CA ARG B 33 11.82 -2.01 -0.21
C ARG B 33 10.96 -0.96 -0.93
N LYS B 34 9.67 -0.93 -0.59
CA LYS B 34 8.75 0.06 -1.15
C LYS B 34 9.22 1.50 -0.86
N ALA B 35 9.62 1.79 0.37
CA ALA B 35 10.09 3.14 0.71
C ALA B 35 11.38 3.49 -0.05
N VAL B 36 12.29 2.52 -0.15
CA VAL B 36 13.51 2.71 -0.91
C VAL B 36 13.24 3.07 -2.40
N TYR B 37 12.29 2.37 -3.01
CA TYR B 37 11.83 2.66 -4.36
C TYR B 37 11.28 4.09 -4.52
N MET B 38 10.56 4.55 -3.50
CA MET B 38 9.91 5.86 -3.56
CA MET B 38 9.91 5.87 -3.52
C MET B 38 10.82 7.05 -3.22
N MET B 39 12.00 6.78 -2.68
CA MET B 39 13.03 7.82 -2.44
C MET B 39 13.32 8.60 -3.69
N PRO B 40 13.17 9.94 -3.65
CA PRO B 40 13.58 10.77 -4.79
C PRO B 40 15.09 10.81 -4.94
N THR B 41 15.61 10.23 -6.01
CA THR B 41 17.04 10.17 -6.26
C THR B 41 17.43 10.64 -7.68
N GLU B 42 16.54 11.32 -8.39
CA GLU B 42 16.84 11.69 -9.79
C GLU B 42 18.17 12.43 -10.04
N GLY B 43 18.53 13.39 -9.19
CA GLY B 43 19.70 14.25 -9.44
C GLY B 43 21.00 13.91 -8.73
N ASP B 44 21.32 12.62 -8.61
CA ASP B 44 22.47 12.14 -7.82
C ASP B 44 23.47 11.35 -8.63
N ASP B 45 24.71 11.36 -8.16
CA ASP B 45 25.85 10.72 -8.82
C ASP B 45 25.57 9.22 -8.97
N SER B 46 25.56 8.73 -10.22
CA SER B 46 25.16 7.35 -10.55
CA SER B 46 25.19 7.36 -10.55
C SER B 46 25.64 6.30 -9.55
N SER B 47 26.78 6.53 -8.89
CA SER B 47 27.21 5.63 -7.81
C SER B 47 28.10 6.09 -6.66
N LYS B 48 28.10 7.39 -6.39
CA LYS B 48 28.52 7.89 -5.07
C LYS B 48 27.38 7.58 -4.06
N SER B 49 26.19 7.31 -4.58
CA SER B 49 24.97 7.27 -3.78
C SER B 49 24.58 5.87 -3.28
N VAL B 50 24.56 5.70 -1.96
CA VAL B 50 24.03 4.47 -1.36
C VAL B 50 22.52 4.35 -1.67
N PRO B 51 21.78 5.46 -1.60
CA PRO B 51 20.36 5.35 -1.93
C PRO B 51 20.11 4.85 -3.35
N LEU B 52 20.85 5.39 -4.32
CA LEU B 52 20.68 4.91 -5.69
CA LEU B 52 20.76 4.93 -5.72
C LEU B 52 21.18 3.47 -5.85
N ALA B 53 22.26 3.12 -5.17
CA ALA B 53 22.83 1.78 -5.32
C ALA B 53 21.90 0.70 -4.72
N LEU B 54 21.28 1.02 -3.59
CA LEU B 54 20.31 0.12 -2.94
C LEU B 54 19.06 -0.03 -3.78
N GLN B 55 18.60 1.06 -4.40
CA GLN B 55 17.50 0.98 -5.35
C GLN B 55 17.77 0.01 -6.50
N ARG B 56 18.95 0.10 -7.08
CA ARG B 56 19.37 -0.77 -8.13
C ARG B 56 19.39 -2.25 -7.67
N VAL B 57 20.02 -2.50 -6.54
CA VAL B 57 20.09 -3.91 -6.04
C VAL B 57 18.69 -4.45 -5.84
N PHE B 58 17.83 -3.68 -5.17
CA PHE B 58 16.45 -4.14 -4.92
C PHE B 58 15.67 -4.39 -6.21
N TYR B 59 15.72 -3.41 -7.10
CA TYR B 59 15.05 -3.52 -8.38
C TYR B 59 15.51 -4.81 -9.10
N GLU B 60 16.81 -5.05 -9.13
CA GLU B 60 17.34 -6.26 -9.80
C GLU B 60 16.98 -7.55 -9.07
N LEU B 61 17.00 -7.55 -7.74
CA LEU B 61 16.46 -8.69 -6.99
C LEU B 61 15.01 -8.98 -7.34
N GLN B 62 14.22 -7.94 -7.60
CA GLN B 62 12.83 -8.16 -7.92
C GLN B 62 12.60 -8.57 -9.39
N HIS B 63 13.44 -8.10 -10.29
CA HIS B 63 13.18 -8.23 -11.75
C HIS B 63 14.18 -9.07 -12.55
N SER B 64 15.38 -9.29 -12.04
CA SER B 64 16.43 -9.99 -12.79
C SER B 64 16.24 -11.49 -12.73
N ASP B 65 16.58 -12.14 -13.84
CA ASP B 65 16.60 -13.60 -13.92
C ASP B 65 17.96 -14.19 -13.55
N LYS B 66 19.02 -13.39 -13.57
CA LYS B 66 20.37 -13.88 -13.29
C LYS B 66 20.83 -13.28 -11.95
N PRO B 67 21.87 -13.88 -11.32
CA PRO B 67 22.34 -13.39 -10.03
C PRO B 67 22.71 -11.91 -10.05
N VAL B 68 22.41 -11.22 -8.97
CA VAL B 68 22.53 -9.77 -8.90
C VAL B 68 23.85 -9.36 -8.31
N GLY B 69 24.47 -8.34 -8.90
CA GLY B 69 25.75 -7.81 -8.44
C GLY B 69 25.67 -6.68 -7.42
N THR B 70 26.72 -6.52 -6.65
CA THR B 70 26.76 -5.55 -5.55
C THR B 70 27.97 -4.61 -5.57
N LYS B 71 28.74 -4.59 -6.66
CA LYS B 71 29.98 -3.78 -6.72
C LYS B 71 29.71 -2.29 -6.62
N LYS B 72 28.69 -1.81 -7.35
CA LYS B 72 28.29 -0.41 -7.26
C LYS B 72 27.83 -0.06 -5.86
N LEU B 73 27.12 -1.01 -5.23
CA LEU B 73 26.65 -0.82 -3.87
C LEU B 73 27.80 -0.71 -2.90
N THR B 74 28.74 -1.65 -2.95
CA THR B 74 29.81 -1.60 -1.95
C THR B 74 30.74 -0.38 -2.19
N LYS B 75 30.91 -0.01 -3.46
CA LYS B 75 31.64 1.23 -3.78
C LYS B 75 30.96 2.44 -3.17
N SER B 76 29.63 2.50 -3.27
CA SER B 76 28.88 3.67 -2.80
C SER B 76 29.09 3.96 -1.33
N PHE B 77 29.28 2.92 -0.49
CA PHE B 77 29.60 3.17 0.93
C PHE B 77 31.04 2.90 1.37
N GLY B 78 31.91 2.64 0.40
CA GLY B 78 33.35 2.66 0.64
C GLY B 78 33.90 1.48 1.41
N TRP B 79 33.22 0.34 1.31
CA TRP B 79 33.68 -0.90 1.88
C TRP B 79 34.10 -1.74 0.68
N GLU B 80 35.27 -1.41 0.13
CA GLU B 80 35.67 -2.02 -1.15
C GLU B 80 36.71 -3.13 -1.01
N THR B 81 37.16 -3.38 0.23
CA THR B 81 38.11 -4.46 0.51
C THR B 81 37.53 -5.38 1.57
N LEU B 82 37.90 -6.66 1.49
CA LEU B 82 37.63 -7.65 2.55
C LEU B 82 37.83 -7.08 3.95
N ASP B 83 38.85 -6.27 4.17
CA ASP B 83 39.11 -5.74 5.53
C ASP B 83 37.94 -4.95 6.10
N SER B 84 37.21 -4.25 5.25
CA SER B 84 36.02 -3.52 5.72
C SER B 84 35.05 -4.47 6.41
N PHE B 85 34.82 -5.61 5.80
CA PHE B 85 33.84 -6.57 6.34
C PHE B 85 34.36 -7.24 7.60
N MET B 86 35.69 -7.43 7.66
CA MET B 86 36.27 -8.01 8.84
C MET B 86 36.30 -7.09 10.02
N GLN B 87 36.19 -5.77 9.81
CA GLN B 87 36.27 -4.80 10.92
C GLN B 87 34.91 -4.42 11.48
N HIS B 88 33.84 -5.02 10.95
CA HIS B 88 32.49 -4.61 11.34
C HIS B 88 31.59 -5.80 11.62
N ASP B 89 30.67 -5.58 12.56
CA ASP B 89 29.55 -6.50 12.80
C ASP B 89 28.45 -6.31 11.76
N VAL B 90 27.63 -7.34 11.60
CA VAL B 90 26.52 -7.31 10.65
C VAL B 90 25.56 -6.13 10.90
N GLN B 91 25.30 -5.82 12.16
CA GLN B 91 24.42 -4.70 12.54
C GLN B 91 25.05 -3.34 12.15
N GLU B 92 26.37 -3.24 12.12
CA GLU B 92 27.04 -2.04 11.68
C GLU B 92 26.83 -1.77 10.19
N LEU B 93 26.91 -2.84 9.39
CA LEU B 93 26.61 -2.77 7.96
C LEU B 93 25.15 -2.41 7.79
N CYS B 94 24.29 -3.08 8.56
CA CYS B 94 22.85 -2.78 8.44
C CYS B 94 22.62 -1.29 8.68
N ARG B 95 23.22 -0.75 9.74
CA ARG B 95 23.03 0.68 10.02
C ARG B 95 23.59 1.61 8.97
N VAL B 96 24.71 1.25 8.35
CA VAL B 96 25.24 2.05 7.26
C VAL B 96 24.18 2.19 6.18
N LEU B 97 23.54 1.08 5.81
CA LEU B 97 22.58 1.06 4.74
C LEU B 97 21.29 1.80 5.15
N LEU B 98 20.74 1.45 6.30
CA LEU B 98 19.52 2.03 6.83
C LEU B 98 19.67 3.50 7.20
N ASP B 99 20.77 3.90 7.85
CA ASP B 99 21.00 5.33 8.13
C ASP B 99 21.07 6.20 6.89
N ASN B 100 21.73 5.68 5.87
CA ASN B 100 21.87 6.41 4.61
CA ASN B 100 21.87 6.43 4.63
C ASN B 100 20.50 6.65 3.96
N VAL B 101 19.68 5.61 3.87
CA VAL B 101 18.39 5.72 3.22
C VAL B 101 17.41 6.52 4.06
N GLU B 102 17.52 6.41 5.39
CA GLU B 102 16.67 7.19 6.30
C GLU B 102 16.96 8.67 6.08
N ASN B 103 18.25 9.04 6.04
CA ASN B 103 18.65 10.46 5.81
C ASN B 103 18.08 11.01 4.52
N LYS B 104 18.24 10.24 3.43
CA LYS B 104 17.72 10.58 2.13
C LYS B 104 16.19 10.74 2.08
N MET B 105 15.45 9.99 2.90
CA MET B 105 14.01 10.03 2.92
C MET B 105 13.44 11.26 3.66
N LYS B 106 14.28 11.94 4.44
CA LYS B 106 13.83 13.14 5.18
C LYS B 106 13.40 14.22 4.21
N GLY B 107 12.29 14.87 4.52
CA GLY B 107 11.68 15.85 3.61
C GLY B 107 11.03 15.23 2.39
N THR B 108 10.73 13.93 2.43
CA THR B 108 10.05 13.24 1.33
C THR B 108 8.80 12.49 1.79
N CYS B 109 8.06 11.98 0.80
CA CYS B 109 6.82 11.25 1.02
C CYS B 109 6.98 9.99 1.86
N VAL B 110 8.22 9.50 2.01
CA VAL B 110 8.46 8.30 2.82
C VAL B 110 9.34 8.59 4.04
N GLU B 111 9.45 9.85 4.43
CA GLU B 111 10.12 10.19 5.67
C GLU B 111 9.54 9.40 6.85
N GLY B 112 10.46 8.89 7.69
CA GLY B 112 10.14 8.23 8.97
C GLY B 112 9.88 6.74 8.90
N THR B 113 9.96 6.18 7.71
CA THR B 113 9.65 4.78 7.47
C THR B 113 10.62 3.87 8.25
N ILE B 114 11.90 4.17 8.16
CA ILE B 114 12.91 3.30 8.76
C ILE B 114 12.71 3.21 10.28
N PRO B 115 12.64 4.34 10.99
CA PRO B 115 12.37 4.21 12.43
C PRO B 115 11.03 3.56 12.75
N LYS B 116 10.02 3.79 11.94
CA LYS B 116 8.71 3.15 12.15
CA LYS B 116 8.71 3.15 12.17
C LYS B 116 8.83 1.61 12.13
N LEU B 117 9.67 1.13 11.23
CA LEU B 117 9.86 -0.33 11.07
C LEU B 117 10.80 -0.96 12.07
N PHE B 118 11.92 -0.30 12.37
CA PHE B 118 13.06 -0.92 13.03
C PHE B 118 13.35 -0.42 14.45
N ARG B 119 12.83 0.75 14.83
CA ARG B 119 13.28 1.41 16.06
C ARG B 119 12.35 1.10 17.22
N GLY B 120 12.93 0.59 18.31
CA GLY B 120 12.21 0.40 19.56
C GLY B 120 12.80 1.31 20.61
N LYS B 121 12.23 1.24 21.80
CA LYS B 121 12.65 2.10 22.89
C LYS B 121 12.83 1.30 24.15
N MET B 122 13.90 1.60 24.88
CA MET B 122 14.18 0.94 26.16
C MET B 122 14.56 2.01 27.19
N VAL B 123 14.65 1.57 28.44
CA VAL B 123 15.04 2.49 29.51
C VAL B 123 16.03 1.77 30.40
N SER B 124 17.13 2.47 30.70
CA SER B 124 18.10 2.00 31.67
C SER B 124 17.92 2.76 32.96
N TYR B 125 17.95 2.05 34.07
CA TYR B 125 17.74 2.68 35.37
C TYR B 125 18.86 2.37 36.35
N ILE B 126 19.08 3.30 37.28
CA ILE B 126 19.86 3.06 38.48
C ILE B 126 18.90 3.44 39.61
N GLN B 127 18.59 2.50 40.50
CA GLN B 127 17.78 2.80 41.68
C GLN B 127 18.63 2.57 42.93
N CYS B 128 18.91 3.63 43.69
CA CYS B 128 19.60 3.48 44.99
C CYS B 128 18.71 2.70 45.98
N LYS B 129 19.34 1.93 46.88
CA LYS B 129 18.63 1.09 47.87
C LYS B 129 18.39 1.78 49.21
N GLU B 130 19.44 2.39 49.75
CA GLU B 130 19.42 3.00 51.11
C GLU B 130 18.89 4.44 51.14
N VAL B 131 18.71 5.04 49.96
CA VAL B 131 18.16 6.38 49.81
C VAL B 131 17.28 6.41 48.54
N ASP B 132 16.43 7.43 48.42
CA ASP B 132 15.37 7.41 47.38
C ASP B 132 15.82 7.66 45.92
N TYR B 133 17.06 8.08 45.74
CA TYR B 133 17.53 8.61 44.45
C TYR B 133 17.59 7.56 43.33
N ARG B 134 17.16 7.99 42.15
CA ARG B 134 17.05 7.11 40.98
C ARG B 134 17.43 7.92 39.76
N SER B 135 17.99 7.26 38.75
CA SER B 135 18.33 7.84 37.44
C SER B 135 17.66 6.95 36.38
N ASP B 136 16.94 7.55 35.43
CA ASP B 136 16.26 6.83 34.35
C ASP B 136 16.85 7.37 33.06
N ARG B 137 17.24 6.49 32.15
CA ARG B 137 17.75 6.93 30.85
C ARG B 137 17.08 6.13 29.72
N ARG B 138 16.21 6.81 28.98
CA ARG B 138 15.56 6.25 27.79
C ARG B 138 16.52 6.31 26.60
N GLU B 139 16.44 5.30 25.72
CA GLU B 139 17.35 5.12 24.59
C GLU B 139 16.58 4.42 23.47
N ASP B 140 16.78 4.86 22.24
CA ASP B 140 16.29 4.12 21.07
C ASP B 140 17.23 2.98 20.74
N TYR B 141 16.72 1.92 20.10
CA TYR B 141 17.56 0.85 19.55
C TYR B 141 16.98 0.44 18.18
N TYR B 142 17.85 -0.04 17.30
CA TYR B 142 17.45 -0.60 16.01
C TYR B 142 17.72 -2.08 15.91
N ASP B 143 18.38 -2.62 16.94
CA ASP B 143 18.77 -4.00 16.98
C ASP B 143 19.10 -4.33 18.43
N ILE B 144 19.10 -5.62 18.75
CA ILE B 144 19.41 -6.09 20.11
C ILE B 144 20.47 -7.15 19.99
N GLN B 145 21.48 -7.07 20.83
CA GLN B 145 22.52 -8.08 20.87
C GLN B 145 22.26 -8.96 22.11
N LEU B 146 21.99 -10.23 21.84
CA LEU B 146 21.60 -11.21 22.85
C LEU B 146 22.73 -12.12 23.30
N SER B 147 22.89 -12.22 24.60
CA SER B 147 23.88 -13.11 25.16
C SER B 147 23.41 -14.54 25.00
N ILE B 148 24.28 -15.41 24.47
CA ILE B 148 23.94 -16.84 24.37
C ILE B 148 24.72 -17.74 25.35
N LYS B 149 25.86 -17.25 25.84
CA LYS B 149 26.77 -18.10 26.63
C LYS B 149 26.04 -18.45 27.92
N GLY B 150 25.82 -19.75 28.12
CA GLY B 150 25.10 -20.28 29.26
C GLY B 150 23.58 -20.23 29.16
N LYS B 151 23.06 -19.77 28.02
CA LYS B 151 21.64 -19.53 27.87
C LYS B 151 21.11 -20.60 26.94
N LYS B 152 19.97 -21.16 27.29
CA LYS B 152 19.36 -22.20 26.45
C LYS B 152 18.78 -21.68 25.15
N ASN B 153 18.12 -20.53 25.23
CA ASN B 153 17.27 -20.10 24.15
C ASN B 153 17.02 -18.59 24.25
N ILE B 154 16.25 -18.08 23.29
CA ILE B 154 15.93 -16.67 23.23
C ILE B 154 15.25 -16.18 24.51
N PHE B 155 14.30 -16.95 25.02
CA PHE B 155 13.63 -16.60 26.26
C PHE B 155 14.63 -16.28 27.39
N GLU B 156 15.56 -17.18 27.61
CA GLU B 156 16.56 -17.05 28.67
C GLU B 156 17.48 -15.89 28.42
N SER B 157 17.75 -15.60 27.14
CA SER B 157 18.57 -14.46 26.78
C SER B 157 17.87 -13.16 27.08
N PHE B 158 16.56 -13.05 26.81
CA PHE B 158 15.80 -11.87 27.21
C PHE B 158 15.71 -11.73 28.74
N VAL B 159 15.52 -12.84 29.45
CA VAL B 159 15.54 -12.80 30.94
C VAL B 159 16.85 -12.17 31.41
N ASP B 160 17.98 -12.69 30.91
CA ASP B 160 19.27 -12.14 31.25
C ASP B 160 19.40 -10.67 30.89
N TYR B 161 18.86 -10.31 29.73
CA TYR B 161 18.95 -8.92 29.24
C TYR B 161 18.33 -7.91 30.22
N VAL B 162 17.18 -8.26 30.79
CA VAL B 162 16.45 -7.39 31.73
C VAL B 162 16.68 -7.72 33.23
N ALA B 163 17.64 -8.59 33.51
CA ALA B 163 18.02 -8.98 34.88
C ALA B 163 18.58 -7.81 35.66
N VAL B 164 18.27 -7.76 36.96
CA VAL B 164 18.74 -6.68 37.84
C VAL B 164 20.17 -6.95 38.34
N GLU B 165 21.06 -5.97 38.13
CA GLU B 165 22.42 -6.03 38.66
C GLU B 165 22.49 -5.23 39.97
N GLN B 166 23.38 -5.65 40.85
CA GLN B 166 23.60 -5.03 42.16
C GLN B 166 24.88 -4.19 42.15
N LEU B 167 24.78 -2.98 42.68
CA LEU B 167 25.90 -2.05 42.77
C LEU B 167 26.25 -1.88 44.26
N ASP B 168 26.98 -2.84 44.83
CA ASP B 168 27.29 -2.88 46.27
C ASP B 168 28.73 -3.30 46.58
N GLY B 169 29.17 -2.95 47.80
CA GLY B 169 30.52 -3.25 48.26
C GLY B 169 31.56 -2.41 47.54
N ASP B 170 32.55 -3.09 46.95
CA ASP B 170 33.65 -2.42 46.24
C ASP B 170 33.14 -1.58 45.05
N ASN B 171 32.09 -2.05 44.39
CA ASN B 171 31.40 -1.29 43.36
C ASN B 171 30.17 -0.68 44.01
N LYS B 172 30.10 0.65 44.05
CA LYS B 172 28.90 1.38 44.46
C LYS B 172 28.64 2.54 43.50
N TYR B 173 27.38 2.95 43.42
CA TYR B 173 26.97 4.00 42.50
C TYR B 173 27.37 5.34 43.10
N ASP B 174 28.11 6.13 42.33
CA ASP B 174 28.57 7.43 42.79
C ASP B 174 27.47 8.46 42.51
N ALA B 175 26.57 8.60 43.49
CA ALA B 175 25.43 9.51 43.39
C ALA B 175 25.81 11.02 43.51
N GLY B 176 27.10 11.35 43.54
CA GLY B 176 27.60 12.72 43.34
C GLY B 176 27.45 13.55 44.59
N GLU B 177 26.58 14.56 44.53
CA GLU B 177 26.20 15.33 45.71
C GLU B 177 25.80 14.44 46.91
N HIS B 178 25.11 13.32 46.62
CA HIS B 178 24.57 12.41 47.65
C HIS B 178 25.43 11.19 47.96
N GLY B 179 26.70 11.22 47.54
CA GLY B 179 27.69 10.23 47.94
C GLY B 179 27.65 8.89 47.22
N LEU B 180 28.50 7.97 47.67
CA LEU B 180 28.52 6.59 47.17
C LEU B 180 27.32 5.83 47.76
N GLN B 181 26.63 5.06 46.91
CA GLN B 181 25.34 4.46 47.25
C GLN B 181 25.18 3.02 46.72
N GLU B 182 24.70 2.14 47.61
CA GLU B 182 24.28 0.81 47.19
C GLU B 182 23.08 1.00 46.27
N ALA B 183 23.06 0.29 45.16
CA ALA B 183 22.04 0.52 44.13
C ALA B 183 21.82 -0.71 43.28
N GLU B 184 20.72 -0.70 42.52
CA GLU B 184 20.52 -1.71 41.50
C GLU B 184 20.22 -1.06 40.15
N LYS B 185 20.67 -1.74 39.09
CA LYS B 185 20.47 -1.26 37.74
C LYS B 185 19.89 -2.35 36.85
N GLY B 186 19.16 -1.91 35.85
CA GLY B 186 18.64 -2.84 34.87
C GLY B 186 18.19 -2.11 33.63
N VAL B 187 17.71 -2.90 32.68
CA VAL B 187 17.10 -2.40 31.46
C VAL B 187 15.70 -2.99 31.36
N LYS B 188 14.76 -2.16 30.93
CA LYS B 188 13.39 -2.56 30.61
CA LYS B 188 13.43 -2.61 30.57
C LYS B 188 13.09 -2.13 29.15
N PHE B 189 12.36 -2.96 28.42
CA PHE B 189 11.86 -2.57 27.11
C PHE B 189 10.57 -1.80 27.27
N LEU B 190 10.47 -0.67 26.58
CA LEU B 190 9.24 0.13 26.53
C LEU B 190 8.41 -0.23 25.32
N THR B 191 9.05 -0.28 24.15
CA THR B 191 8.45 -0.74 22.90
C THR B 191 9.39 -1.73 22.19
N LEU B 192 8.78 -2.58 21.36
CA LEU B 192 9.49 -3.47 20.48
C LEU B 192 8.99 -3.15 19.08
N PRO B 193 9.93 -3.05 18.11
CA PRO B 193 9.53 -2.60 16.78
C PRO B 193 8.83 -3.66 15.92
N PRO B 194 8.20 -3.24 14.82
CA PRO B 194 7.56 -4.21 13.92
C PRO B 194 8.52 -5.26 13.34
N VAL B 195 9.75 -4.83 13.02
CA VAL B 195 10.80 -5.69 12.50
C VAL B 195 11.90 -5.67 13.55
N LEU B 196 12.15 -6.83 14.13
CA LEU B 196 13.05 -7.00 15.26
C LEU B 196 14.29 -7.76 14.79
N HIS B 197 15.41 -7.04 14.79
CA HIS B 197 16.72 -7.57 14.45
C HIS B 197 17.47 -8.00 15.71
N LEU B 198 17.78 -9.28 15.80
CA LEU B 198 18.46 -9.84 16.92
C LEU B 198 19.76 -10.41 16.42
N GLN B 199 20.88 -9.92 16.96
CA GLN B 199 22.15 -10.59 16.76
C GLN B 199 22.48 -11.40 18.00
N LEU B 200 23.06 -12.56 17.74
CA LEU B 200 23.46 -13.51 18.77
C LEU B 200 24.91 -13.27 19.08
N MET B 201 25.24 -13.21 20.37
CA MET B 201 26.62 -12.91 20.79
C MET B 201 27.52 -14.14 20.67
N ARG B 202 27.83 -14.49 19.41
CA ARG B 202 28.70 -15.63 19.09
C ARG B 202 30.19 -15.26 18.90
N PHE B 203 30.54 -13.97 18.96
CA PHE B 203 31.92 -13.55 18.63
C PHE B 203 32.54 -12.90 19.85
N MET B 204 32.98 -13.77 20.76
CA MET B 204 33.34 -13.38 22.12
C MET B 204 34.84 -13.09 22.27
N TYR B 205 35.15 -12.06 23.04
CA TYR B 205 36.54 -11.64 23.24
C TYR B 205 37.23 -12.68 24.11
N ASP B 206 38.39 -13.15 23.68
CA ASP B 206 39.24 -14.08 24.42
C ASP B 206 40.48 -13.31 24.90
N PRO B 207 40.54 -12.96 26.22
CA PRO B 207 41.70 -12.27 26.78
C PRO B 207 43.05 -12.98 26.60
N GLN B 208 43.05 -14.31 26.47
CA GLN B 208 44.28 -15.08 26.26
C GLN B 208 44.98 -14.79 24.92
N THR B 209 44.21 -14.75 23.84
CA THR B 209 44.75 -14.42 22.51
C THR B 209 44.56 -12.94 22.12
N ASP B 210 43.98 -12.15 23.01
CA ASP B 210 43.58 -10.76 22.73
C ASP B 210 42.85 -10.62 21.39
N GLN B 211 41.97 -11.59 21.11
CA GLN B 211 41.22 -11.68 19.86
C GLN B 211 39.76 -12.04 20.18
N ASN B 212 38.86 -11.73 19.26
CA ASN B 212 37.51 -12.28 19.29
C ASN B 212 37.54 -13.68 18.69
N ILE B 213 36.80 -14.61 19.29
CA ILE B 213 36.69 -15.96 18.75
C ILE B 213 35.21 -16.41 18.76
N LYS B 214 34.83 -17.05 17.66
CA LYS B 214 33.47 -17.52 17.48
C LYS B 214 33.21 -18.72 18.38
N ILE B 215 32.01 -18.76 18.96
CA ILE B 215 31.55 -19.94 19.72
C ILE B 215 30.38 -20.57 19.00
N ASN B 216 30.30 -21.90 19.04
CA ASN B 216 29.22 -22.66 18.38
CA ASN B 216 29.18 -22.62 18.41
C ASN B 216 28.18 -23.27 19.35
N ASP B 217 28.16 -22.75 20.57
CA ASP B 217 27.28 -23.22 21.63
C ASP B 217 25.87 -23.31 21.14
N ARG B 218 25.19 -24.39 21.53
CA ARG B 218 23.82 -24.61 21.12
CA ARG B 218 23.81 -24.61 21.12
C ARG B 218 22.94 -23.52 21.71
N PHE B 219 22.12 -22.90 20.86
CA PHE B 219 21.23 -21.85 21.26
C PHE B 219 19.96 -21.94 20.45
N GLU B 220 18.83 -22.14 21.13
CA GLU B 220 17.57 -22.39 20.46
C GLU B 220 16.79 -21.10 20.28
N PHE B 221 16.12 -20.99 19.15
CA PHE B 221 15.27 -19.86 18.87
C PHE B 221 14.00 -20.42 18.25
N PRO B 222 12.85 -19.83 18.59
CA PRO B 222 11.59 -20.42 18.15
C PRO B 222 11.04 -19.80 16.87
N GLU B 223 10.16 -20.54 16.22
CA GLU B 223 9.38 -19.99 15.15
C GLU B 223 8.46 -18.87 15.65
N GLN B 224 7.81 -19.08 16.80
CA GLN B 224 6.91 -18.09 17.42
C GLN B 224 7.48 -17.59 18.76
N LEU B 225 7.61 -16.28 18.88
CA LEU B 225 8.31 -15.66 19.98
C LEU B 225 7.42 -14.66 20.75
N PRO B 226 6.95 -15.05 21.95
CA PRO B 226 6.13 -14.10 22.74
C PRO B 226 7.01 -13.26 23.67
N LEU B 227 6.96 -11.95 23.54
CA LEU B 227 7.83 -11.06 24.32
C LEU B 227 7.08 -10.12 25.27
N ASP B 228 5.78 -10.29 25.45
CA ASP B 228 5.04 -9.41 26.40
C ASP B 228 5.68 -9.34 27.77
N GLU B 229 6.21 -10.45 28.28
CA GLU B 229 6.77 -10.43 29.61
C GLU B 229 8.06 -9.61 29.79
N PHE B 230 8.63 -9.10 28.70
CA PHE B 230 9.79 -8.22 28.76
C PHE B 230 9.50 -6.73 28.56
N LEU B 231 8.25 -6.38 28.32
CA LEU B 231 7.83 -4.98 28.27
C LEU B 231 7.53 -4.44 29.68
N GLN B 232 7.89 -3.17 29.92
CA GLN B 232 7.49 -2.46 31.16
C GLN B 232 5.96 -2.50 31.32
N LYS B 233 5.25 -2.24 30.24
CA LYS B 233 3.79 -2.29 30.21
C LYS B 233 3.33 -2.93 28.90
N THR B 234 2.53 -3.99 28.99
CA THR B 234 1.98 -4.64 27.80
C THR B 234 0.80 -3.87 27.27
N ASP B 235 0.45 -4.15 26.02
CA ASP B 235 -0.71 -3.57 25.36
C ASP B 235 -1.72 -4.67 25.09
N PRO B 236 -2.87 -4.67 25.80
CA PRO B 236 -3.87 -5.74 25.62
C PRO B 236 -4.34 -5.94 24.18
N LYS B 237 -4.34 -4.88 23.38
CA LYS B 237 -4.80 -4.94 21.97
C LYS B 237 -3.72 -5.40 20.97
N ASP B 238 -2.45 -5.38 21.38
CA ASP B 238 -1.31 -5.72 20.51
C ASP B 238 -0.25 -6.43 21.38
N PRO B 239 -0.45 -7.74 21.62
CA PRO B 239 0.56 -8.48 22.33
C PRO B 239 1.82 -8.57 21.47
N ALA B 240 2.94 -8.57 22.15
CA ALA B 240 4.25 -8.57 21.51
C ALA B 240 4.60 -9.99 21.03
N ASN B 241 3.77 -10.53 20.14
CA ASN B 241 3.98 -11.86 19.55
C ASN B 241 4.70 -11.70 18.21
N TYR B 242 5.84 -12.39 18.07
CA TYR B 242 6.71 -12.30 16.91
C TYR B 242 6.83 -13.60 16.17
N ILE B 243 6.96 -13.48 14.86
CA ILE B 243 7.06 -14.60 13.91
CA ILE B 243 7.15 -14.67 14.03
C ILE B 243 8.46 -14.56 13.29
N LEU B 244 9.15 -15.70 13.25
CA LEU B 244 10.47 -15.77 12.63
C LEU B 244 10.40 -15.57 11.13
N HIS B 245 11.20 -14.63 10.63
CA HIS B 245 11.28 -14.30 9.20
C HIS B 245 12.57 -14.75 8.54
N ALA B 246 13.69 -14.55 9.23
CA ALA B 246 15.01 -14.77 8.60
C ALA B 246 15.96 -15.31 9.58
N VAL B 247 16.81 -16.21 9.10
CA VAL B 247 17.87 -16.78 9.89
C VAL B 247 19.16 -16.67 9.06
N LEU B 248 20.08 -15.83 9.52
CA LEU B 248 21.38 -15.64 8.93
C LEU B 248 22.37 -16.57 9.62
N VAL B 249 23.07 -17.33 8.81
CA VAL B 249 23.80 -18.52 9.25
C VAL B 249 25.19 -18.45 8.67
N HIS B 250 26.15 -19.00 9.42
CA HIS B 250 27.56 -19.05 9.02
C HIS B 250 28.09 -20.44 9.43
N SER B 251 28.90 -21.04 8.56
CA SER B 251 29.62 -22.26 8.91
C SER B 251 31.10 -21.94 9.03
N GLY B 252 31.72 -22.39 10.11
CA GLY B 252 33.17 -22.21 10.34
C GLY B 252 33.48 -21.17 11.38
N ASP B 253 34.75 -20.80 11.48
CA ASP B 253 35.13 -19.90 12.54
C ASP B 253 35.88 -18.70 12.06
N ASN B 254 35.79 -18.43 10.76
CA ASN B 254 36.40 -17.23 10.24
C ASN B 254 35.63 -16.63 9.07
N HIS B 255 36.10 -15.45 8.65
CA HIS B 255 35.42 -14.65 7.64
C HIS B 255 35.45 -15.27 6.28
N GLY B 256 36.28 -16.29 6.09
CA GLY B 256 36.22 -17.16 4.92
C GLY B 256 35.23 -18.30 4.87
N GLY B 257 34.44 -18.45 5.93
CA GLY B 257 33.45 -19.49 5.99
C GLY B 257 32.23 -19.18 5.15
N HIS B 258 31.22 -20.02 5.32
CA HIS B 258 30.11 -20.07 4.41
C HIS B 258 28.92 -19.34 5.01
N TYR B 259 28.63 -18.19 4.44
CA TYR B 259 27.49 -17.35 4.85
C TYR B 259 26.28 -17.66 3.99
N VAL B 260 25.15 -18.00 4.64
CA VAL B 260 23.89 -18.17 3.92
C VAL B 260 22.75 -17.57 4.73
N VAL B 261 21.63 -17.39 4.08
CA VAL B 261 20.44 -16.94 4.82
C VAL B 261 19.23 -17.77 4.47
N TYR B 262 18.43 -18.04 5.49
CA TYR B 262 17.17 -18.74 5.31
C TYR B 262 16.06 -17.71 5.51
N LEU B 263 15.08 -17.71 4.61
CA LEU B 263 13.90 -16.87 4.75
C LEU B 263 12.64 -17.61 4.41
N ASN B 264 11.55 -17.17 5.04
CA ASN B 264 10.16 -17.43 4.59
C ASN B 264 9.60 -16.05 4.24
N PRO B 265 9.89 -15.57 3.01
CA PRO B 265 9.67 -14.17 2.67
C PRO B 265 8.27 -13.65 2.94
N LYS B 266 7.25 -14.50 2.74
CA LYS B 266 5.87 -14.07 2.95
C LYS B 266 5.36 -14.26 4.38
N GLY B 267 6.18 -14.82 5.25
CA GLY B 267 5.81 -14.99 6.65
C GLY B 267 4.82 -16.14 6.86
N ASP B 268 4.78 -17.07 5.91
CA ASP B 268 3.82 -18.19 5.86
C ASP B 268 4.44 -19.57 6.23
N GLY B 269 5.66 -19.58 6.76
CA GLY B 269 6.41 -20.80 7.05
C GLY B 269 6.93 -21.64 5.89
N LYS B 270 6.89 -21.12 4.68
CA LYS B 270 7.45 -21.80 3.52
C LYS B 270 8.85 -21.22 3.32
N TRP B 271 9.85 -22.00 3.65
CA TRP B 271 11.21 -21.49 3.71
C TRP B 271 12.02 -21.78 2.48
N CYS B 272 12.93 -20.86 2.17
CA CYS B 272 14.00 -21.08 1.21
C CYS B 272 15.34 -20.70 1.78
N LYS B 273 16.35 -21.33 1.18
CA LYS B 273 17.74 -21.11 1.47
C LYS B 273 18.35 -20.29 0.35
N PHE B 274 19.03 -19.21 0.73
CA PHE B 274 19.68 -18.31 -0.20
C PHE B 274 21.15 -18.45 -0.02
N ASP B 275 21.81 -19.08 -0.99
CA ASP B 275 23.25 -19.35 -0.95
C ASP B 275 23.86 -18.70 -2.19
N ASP B 276 24.14 -17.39 -2.05
CA ASP B 276 24.54 -16.51 -3.13
C ASP B 276 23.63 -16.70 -4.34
N ASP B 277 24.16 -17.26 -5.43
CA ASP B 277 23.38 -17.45 -6.66
C ASP B 277 22.37 -18.59 -6.65
N VAL B 278 22.44 -19.51 -5.68
CA VAL B 278 21.50 -20.61 -5.62
C VAL B 278 20.46 -20.40 -4.53
N VAL B 279 19.20 -20.36 -4.95
CA VAL B 279 18.09 -20.27 -4.00
C VAL B 279 17.26 -21.54 -4.12
N SER B 280 17.05 -22.22 -3.01
CA SER B 280 16.33 -23.48 -3.01
C SER B 280 15.27 -23.57 -1.91
N ARG B 281 14.22 -24.35 -2.17
CA ARG B 281 13.23 -24.70 -1.13
C ARG B 281 13.89 -25.54 -0.02
N CYS B 282 13.44 -25.35 1.21
CA CYS B 282 13.96 -26.13 2.31
C CYS B 282 12.88 -26.32 3.38
N THR B 283 13.16 -27.16 4.36
CA THR B 283 12.19 -27.44 5.43
C THR B 283 12.36 -26.43 6.56
N LYS B 284 11.34 -26.29 7.41
CA LYS B 284 11.47 -25.49 8.64
C LYS B 284 12.64 -25.96 9.50
N GLU B 285 12.76 -27.28 9.64
CA GLU B 285 13.85 -27.86 10.41
C GLU B 285 15.23 -27.41 9.86
N GLU B 286 15.38 -27.36 8.54
CA GLU B 286 16.65 -26.94 7.94
C GLU B 286 16.98 -25.45 8.26
N ALA B 287 15.95 -24.64 8.36
CA ALA B 287 16.10 -23.21 8.61
C ALA B 287 16.26 -22.88 10.09
N ILE B 288 15.64 -23.68 10.96
CA ILE B 288 15.53 -23.38 12.39
C ILE B 288 16.44 -24.30 13.20
N GLU B 289 15.96 -25.51 13.57
CA GLU B 289 16.71 -26.37 14.52
C GLU B 289 18.08 -26.79 13.97
N HIS B 290 18.25 -26.92 12.65
CA HIS B 290 19.58 -27.21 12.10
C HIS B 290 20.63 -26.13 12.31
N ASN B 291 20.21 -24.93 12.72
CA ASN B 291 21.09 -23.80 12.93
C ASN B 291 21.23 -23.40 14.39
N TYR B 292 20.77 -24.27 15.29
CA TYR B 292 20.97 -24.08 16.71
C TYR B 292 22.44 -24.14 17.17
N GLY B 293 23.28 -24.88 16.45
CA GLY B 293 24.68 -25.04 16.82
C GLY B 293 24.87 -26.20 17.80
N GLY B 294 26.10 -26.65 17.94
CA GLY B 294 26.48 -27.67 18.95
C GLY B 294 25.67 -28.97 18.89
N HIS B 295 25.24 -29.35 17.68
CA HIS B 295 24.47 -30.59 17.47
C HIS B 295 25.36 -31.84 17.53
N ASP B 296 26.68 -31.66 17.38
CA ASP B 296 27.66 -32.75 17.36
C ASP B 296 28.87 -32.31 18.17
N ASP B 297 29.10 -32.98 19.32
CA ASP B 297 30.23 -32.60 20.18
C ASP B 297 31.62 -32.97 19.58
N ASP B 298 31.65 -33.69 18.45
CA ASP B 298 32.88 -33.88 17.68
C ASP B 298 33.12 -32.77 16.66
N LEU B 299 32.05 -32.04 16.31
CA LEU B 299 32.09 -31.00 15.26
C LEU B 299 32.23 -29.63 15.93
N SER B 300 33.47 -29.14 15.95
CA SER B 300 33.81 -27.88 16.62
C SER B 300 33.29 -26.64 15.87
N VAL B 301 33.57 -25.46 16.45
CA VAL B 301 33.25 -24.18 15.82
C VAL B 301 33.85 -24.03 14.40
N ARG B 302 35.01 -24.65 14.17
CA ARG B 302 35.69 -24.68 12.85
C ARG B 302 34.83 -25.23 11.70
N HIS B 303 33.90 -26.14 12.01
CA HIS B 303 33.05 -26.77 10.98
C HIS B 303 31.53 -26.64 11.20
N CYS B 304 31.11 -26.25 12.40
CA CYS B 304 29.67 -26.25 12.75
C CYS B 304 28.94 -25.07 12.05
N THR B 305 27.64 -25.25 11.86
CA THR B 305 26.76 -24.33 11.15
C THR B 305 25.73 -23.79 12.14
N ASN B 306 25.62 -22.47 12.26
CA ASN B 306 24.71 -21.91 13.27
C ASN B 306 24.29 -20.48 12.92
N ALA B 307 23.19 -20.04 13.53
CA ALA B 307 22.66 -18.73 13.31
C ALA B 307 23.46 -17.69 14.08
N TYR B 308 23.63 -16.51 13.48
CA TYR B 308 24.17 -15.36 14.18
C TYR B 308 23.24 -14.14 14.20
N MET B 309 22.19 -14.15 13.38
CA MET B 309 21.22 -13.06 13.36
C MET B 309 19.87 -13.64 12.99
N LEU B 310 18.85 -13.12 13.65
CA LEU B 310 17.47 -13.55 13.46
C LEU B 310 16.66 -12.30 13.21
N VAL B 311 15.71 -12.37 12.29
CA VAL B 311 14.75 -11.32 12.12
C VAL B 311 13.38 -11.88 12.42
N TYR B 312 12.69 -11.21 13.33
CA TYR B 312 11.29 -11.52 13.67
C TYR B 312 10.42 -10.34 13.26
N ILE B 313 9.18 -10.63 12.91
CA ILE B 313 8.23 -9.62 12.55
C ILE B 313 7.06 -9.78 13.50
N ARG B 314 6.55 -8.66 13.99
CA ARG B 314 5.41 -8.65 14.90
C ARG B 314 4.19 -9.12 14.15
N GLU B 315 3.51 -10.09 14.74
CA GLU B 315 2.35 -10.70 14.10
C GLU B 315 1.32 -9.69 13.66
N SER B 316 1.05 -8.74 14.54
CA SER B 316 0.09 -7.65 14.30
C SER B 316 0.50 -6.75 13.13
N LYS B 317 1.78 -6.78 12.76
CA LYS B 317 2.30 -5.88 11.75
C LYS B 317 2.64 -6.57 10.43
N LEU B 318 2.40 -7.86 10.34
CA LEU B 318 2.79 -8.63 9.15
C LEU B 318 2.24 -8.10 7.86
N SER B 319 0.97 -7.69 7.87
CA SER B 319 0.35 -7.13 6.67
C SER B 319 0.93 -5.74 6.32
N GLU B 320 1.47 -5.00 7.29
CA GLU B 320 2.17 -3.75 6.99
CA GLU B 320 2.19 -3.75 7.00
C GLU B 320 3.58 -4.05 6.48
N VAL B 321 4.31 -4.87 7.23
CA VAL B 321 5.72 -5.09 6.90
C VAL B 321 5.84 -5.82 5.56
N LEU B 322 5.03 -6.84 5.38
CA LEU B 322 5.10 -7.64 4.18
C LEU B 322 3.96 -7.28 3.21
N GLN B 323 3.56 -6.02 3.22
CA GLN B 323 2.58 -5.50 2.25
C GLN B 323 3.11 -5.83 0.83
N ALA B 324 2.21 -6.24 -0.04
CA ALA B 324 2.60 -6.65 -1.39
C ALA B 324 3.20 -5.44 -2.10
N VAL B 325 4.24 -5.70 -2.90
CA VAL B 325 4.90 -4.64 -3.69
C VAL B 325 4.20 -4.55 -5.06
N THR B 326 3.81 -3.35 -5.47
CA THR B 326 3.01 -3.17 -6.70
C THR B 326 3.74 -2.21 -7.61
N ASP B 327 3.29 -2.12 -8.87
CA ASP B 327 3.83 -1.12 -9.83
C ASP B 327 3.81 0.29 -9.33
N HIS B 328 2.74 0.69 -8.66
CA HIS B 328 2.65 2.00 -7.97
C HIS B 328 3.89 2.37 -7.14
N ASP B 329 4.45 1.39 -6.44
CA ASP B 329 5.59 1.65 -5.56
C ASP B 329 6.85 2.03 -6.27
N ILE B 330 6.96 1.73 -7.57
CA ILE B 330 8.17 2.01 -8.34
C ILE B 330 7.94 3.19 -9.29
N PRO B 331 8.47 4.39 -8.96
CA PRO B 331 8.28 5.52 -9.87
C PRO B 331 8.88 5.24 -11.26
N GLN B 332 8.22 5.73 -12.30
CA GLN B 332 8.70 5.55 -13.66
C GLN B 332 10.10 6.14 -13.85
N GLN B 333 10.39 7.29 -13.22
CA GLN B 333 11.74 7.89 -13.31
C GLN B 333 12.79 6.89 -12.87
N LEU B 334 12.48 6.13 -11.82
CA LEU B 334 13.46 5.15 -11.29
C LEU B 334 13.71 4.09 -12.35
N VAL B 335 12.63 3.51 -12.87
CA VAL B 335 12.75 2.47 -13.90
C VAL B 335 13.49 2.99 -15.13
N GLU B 336 13.15 4.20 -15.56
CA GLU B 336 13.88 4.82 -16.69
C GLU B 336 15.36 5.03 -16.41
N ARG B 337 15.72 5.52 -15.22
CA ARG B 337 17.16 5.67 -14.89
C ARG B 337 17.91 4.33 -14.88
N LEU B 338 17.30 3.29 -14.31
CA LEU B 338 17.96 1.98 -14.28
C LEU B 338 18.09 1.36 -15.68
N GLN B 339 17.04 1.47 -16.50
CA GLN B 339 17.12 0.97 -17.90
C GLN B 339 18.20 1.67 -18.71
N GLU B 340 18.26 2.99 -18.58
CA GLU B 340 19.32 3.79 -19.25
C GLU B 340 20.73 3.44 -18.76
N GLU B 341 20.87 3.15 -17.47
CA GLU B 341 22.17 2.80 -16.93
C GLU B 341 22.63 1.45 -17.48
N LYS B 342 21.69 0.51 -17.67
CA LYS B 342 22.00 -0.80 -18.26
C LYS B 342 22.42 -0.64 -19.72
N ARG B 343 21.52 -0.06 -20.50
CA ARG B 343 21.76 0.36 -21.91
C ARG B 343 23.17 0.88 -22.23
N ILE B 344 23.71 1.71 -21.33
CA ILE B 344 25.08 2.21 -21.41
C ILE B 344 26.12 1.07 -21.33
N GLU B 345 25.95 0.19 -20.35
CA GLU B 345 26.87 -0.94 -20.13
C GLU B 345 26.77 -2.04 -21.20
#